data_9NGM
#
_entry.id   9NGM
#
_cell.length_a   1.00
_cell.length_b   1.00
_cell.length_c   1.00
_cell.angle_alpha   90.00
_cell.angle_beta   90.00
_cell.angle_gamma   90.00
#
_symmetry.space_group_name_H-M   'P 1'
#
_entity_poly.entity_id   1
_entity_poly.type   'polypeptide(L)'
_entity_poly.pdbx_seq_one_letter_code
;MAAFSKYLTARNSSLAGAAFLLLCLLHKRRRALGLHGKKSGKPPLQNNEKEGKKERAVVDKVFFSRLIQILKIMVPRTFC
KETGYLVLIAVMLVSRTYCDVWMIQNGTLIESGIIGRSRKDFKRYLLNFIAAMPLISLVNNFLKYGLNELKLCFRVRLTK
YLYEEYLQAFTYYKMGNLDNRIANPDQLLTQDVEKFCNSVVDLYSNLSKPFLDIVLYIFKLTSAIGAQGPASMMAYLVVS
GLFLTRLRRPIGKMTITEQKYEGEYRYVNSRLITNSEEIAFYNGNKREKQTVHSVFRKLVEHLHNFILFRFSMGFIDSII
AKYLATVVGYLVVSRPFLDLSHPRHLKSTHSELLEDYYQSGRMLLRMSQALGRIVLAGREMTRLAGFTARITELMQVLKD
LNHGKYERTMVSQQEKGIEGVQVIPLIPGAGEIIIADNIIKFDHVPLATPNGDVLIRDLNFEVRSGANVLICGPNGCGKS
SLFRVLGELWPLFGGRLTKPERGKLFYVPQRPYMTLGTLRDQVIYPDGREDQKRKGISDLVLKEYLDNVQLGHILEREGG
WDSVQDWMDVLSGGEKQRMAMARLFYHKPQFAILDECTSAVSVDVEGYIYSHCRKVGITLFTVSHRKSLWKHHEYYLHMD
GRGNYEFKQITEDTVEFGSGSGLVPRGSGGGGSGGGGSGGHHHHHHHH
;
_entity_poly.pdbx_strand_id   A,B
#
# COMPACT_ATOMS: atom_id res chain seq x y z
N ALA A 57 21.77 1.88 4.90
CA ALA A 57 22.14 2.52 3.63
C ALA A 57 23.36 3.39 3.93
N VAL A 58 24.54 2.90 3.54
CA VAL A 58 25.80 3.57 3.81
C VAL A 58 26.58 3.68 2.51
N VAL A 59 27.21 4.83 2.30
CA VAL A 59 28.02 5.09 1.11
C VAL A 59 29.49 4.94 1.52
N ASP A 60 30.11 3.86 1.08
CA ASP A 60 31.50 3.55 1.39
C ASP A 60 32.17 3.08 0.10
N LYS A 61 33.37 2.52 0.25
CA LYS A 61 34.04 1.93 -0.91
C LYS A 61 33.32 0.67 -1.39
N VAL A 62 32.70 -0.08 -0.47
CA VAL A 62 31.99 -1.29 -0.87
C VAL A 62 30.81 -0.94 -1.78
N PHE A 63 30.13 0.17 -1.49
CA PHE A 63 29.01 0.57 -2.33
C PHE A 63 29.47 0.87 -3.75
N PHE A 64 30.57 1.60 -3.89
CA PHE A 64 31.09 1.91 -5.21
C PHE A 64 31.54 0.65 -5.93
N SER A 65 32.19 -0.27 -5.20
CA SER A 65 32.62 -1.52 -5.82
C SER A 65 31.42 -2.33 -6.33
N ARG A 66 30.36 -2.43 -5.52
CA ARG A 66 29.17 -3.13 -5.96
C ARG A 66 28.54 -2.45 -7.17
N LEU A 67 28.47 -1.12 -7.16
CA LEU A 67 27.83 -0.42 -8.27
C LEU A 67 28.62 -0.61 -9.56
N ILE A 68 29.95 -0.53 -9.49
CA ILE A 68 30.74 -0.69 -10.71
C ILE A 68 30.66 -2.14 -11.19
N GLN A 69 30.62 -3.11 -10.27
CA GLN A 69 30.49 -4.50 -10.68
C GLN A 69 29.16 -4.73 -11.40
N ILE A 70 28.08 -4.14 -10.89
CA ILE A 70 26.79 -4.24 -11.58
C ILE A 70 26.86 -3.55 -12.93
N LEU A 71 27.47 -2.36 -12.99
CA LEU A 71 27.51 -1.58 -14.23
C LEU A 71 28.34 -2.24 -15.31
N LYS A 72 29.30 -3.10 -14.95
CA LYS A 72 30.06 -3.80 -15.98
C LYS A 72 29.19 -4.68 -16.87
N ILE A 73 27.98 -5.03 -16.41
CA ILE A 73 27.08 -5.90 -17.18
C ILE A 73 26.21 -5.10 -18.14
N MET A 74 25.79 -3.90 -17.74
CA MET A 74 24.90 -3.09 -18.55
C MET A 74 25.63 -2.31 -19.64
N VAL A 75 26.95 -2.23 -19.60
CA VAL A 75 27.76 -1.60 -20.63
C VAL A 75 28.87 -2.57 -21.01
N PRO A 76 28.57 -3.70 -21.65
CA PRO A 76 29.58 -4.76 -21.81
C PRO A 76 30.77 -4.35 -22.65
N ARG A 77 30.53 -3.90 -23.88
CA ARG A 77 31.58 -3.64 -24.85
C ARG A 77 31.82 -2.14 -24.96
N THR A 78 32.64 -1.74 -25.93
CA THR A 78 32.94 -0.33 -26.19
C THR A 78 32.12 0.25 -27.33
N PHE A 79 31.58 -0.58 -28.22
CA PHE A 79 30.82 -0.14 -29.38
C PHE A 79 29.35 -0.54 -29.30
N CYS A 80 28.85 -0.91 -28.12
CA CYS A 80 27.44 -1.21 -28.00
C CYS A 80 26.61 0.07 -28.12
N LYS A 81 25.33 -0.10 -28.44
CA LYS A 81 24.46 1.06 -28.64
C LYS A 81 24.22 1.86 -27.37
N GLU A 82 24.42 1.26 -26.19
CA GLU A 82 24.26 2.01 -24.94
C GLU A 82 25.37 3.03 -24.72
N THR A 83 26.44 3.02 -25.52
CA THR A 83 27.43 4.08 -25.51
C THR A 83 27.15 5.16 -26.55
N GLY A 84 26.23 4.91 -27.49
CA GLY A 84 25.80 5.99 -28.37
C GLY A 84 25.05 7.06 -27.63
N TYR A 85 24.12 6.66 -26.76
CA TYR A 85 23.39 7.64 -25.97
C TYR A 85 24.28 8.34 -24.95
N LEU A 86 25.32 7.66 -24.47
CA LEU A 86 26.20 8.28 -23.49
C LEU A 86 27.00 9.44 -24.06
N VAL A 87 27.10 9.56 -25.39
CA VAL A 87 27.77 10.71 -26.01
C VAL A 87 26.72 11.65 -26.58
N LEU A 88 25.58 11.09 -27.04
CA LEU A 88 24.49 11.93 -27.50
C LEU A 88 23.96 12.81 -26.36
N ILE A 89 24.09 12.36 -25.12
CA ILE A 89 23.68 13.17 -23.97
C ILE A 89 24.78 14.12 -23.53
N ALA A 90 26.04 13.71 -23.64
CA ALA A 90 27.14 14.60 -23.29
C ALA A 90 27.20 15.80 -24.23
N VAL A 91 26.92 15.59 -25.51
CA VAL A 91 26.95 16.69 -26.46
C VAL A 91 25.82 17.69 -26.22
N MET A 92 24.74 17.29 -25.54
CA MET A 92 23.62 18.18 -25.27
C MET A 92 23.69 18.84 -23.90
N LEU A 93 24.29 18.17 -22.91
CA LEU A 93 24.47 18.80 -21.61
C LEU A 93 25.37 20.03 -21.69
N VAL A 94 26.20 20.15 -22.73
CA VAL A 94 27.07 21.31 -22.91
C VAL A 94 26.52 22.30 -23.93
N SER A 95 25.43 21.97 -24.63
CA SER A 95 24.74 22.91 -25.50
C SER A 95 23.60 23.63 -24.80
N ARG A 96 22.95 22.94 -23.85
CA ARG A 96 21.87 23.58 -23.08
C ARG A 96 22.39 24.80 -22.34
N THR A 97 23.59 24.71 -21.76
CA THR A 97 24.15 25.83 -21.02
C THR A 97 24.42 27.02 -21.92
N TYR A 98 24.99 26.77 -23.11
CA TYR A 98 25.24 27.87 -24.04
C TYR A 98 23.94 28.53 -24.46
N CYS A 99 22.89 27.73 -24.68
CA CYS A 99 21.58 28.32 -25.00
C CYS A 99 21.10 29.21 -23.86
N ASP A 100 21.27 28.77 -22.62
CA ASP A 100 20.83 29.57 -21.48
C ASP A 100 21.56 30.91 -21.42
N VAL A 101 22.88 30.89 -21.55
CA VAL A 101 23.62 32.16 -21.44
C VAL A 101 23.28 33.06 -22.62
N TRP A 102 23.07 32.50 -23.80
CA TRP A 102 22.67 33.33 -24.93
C TRP A 102 21.32 33.99 -24.66
N MET A 103 20.38 33.26 -24.07
CA MET A 103 19.08 33.85 -23.80
C MET A 103 19.18 34.99 -22.80
N ILE A 104 19.95 34.81 -21.72
CA ILE A 104 20.05 35.91 -20.75
C ILE A 104 20.85 37.08 -21.31
N GLN A 105 21.73 36.85 -22.28
CA GLN A 105 22.43 37.96 -22.92
C GLN A 105 21.56 38.72 -23.91
N ASN A 106 20.62 38.04 -24.56
CA ASN A 106 19.75 38.68 -25.55
C ASN A 106 18.54 39.36 -24.94
N GLY A 107 18.04 38.85 -23.81
CA GLY A 107 16.88 39.47 -23.18
C GLY A 107 17.14 40.92 -22.80
N THR A 108 18.32 41.20 -22.24
CA THR A 108 18.61 42.55 -21.80
C THR A 108 18.73 43.50 -22.99
N LEU A 109 19.25 43.00 -24.12
CA LEU A 109 19.29 43.83 -25.32
C LEU A 109 17.89 44.15 -25.81
N ILE A 110 16.99 43.17 -25.80
CA ILE A 110 15.60 43.46 -26.19
C ILE A 110 15.01 44.51 -25.27
N GLU A 111 15.22 44.37 -23.96
CA GLU A 111 14.63 45.29 -22.99
C GLU A 111 15.17 46.70 -23.15
N SER A 112 16.49 46.85 -23.30
CA SER A 112 17.07 48.16 -23.55
C SER A 112 16.68 48.71 -24.91
N GLY A 113 16.17 47.87 -25.81
CA GLY A 113 15.64 48.40 -27.06
C GLY A 113 14.43 49.30 -26.86
N ILE A 114 13.58 48.97 -25.90
CA ILE A 114 12.34 49.72 -25.67
C ILE A 114 12.51 50.73 -24.55
N ILE A 115 13.32 50.43 -23.54
CA ILE A 115 13.52 51.40 -22.46
C ILE A 115 14.14 52.68 -23.01
N GLY A 116 14.89 52.59 -24.10
CA GLY A 116 15.47 53.74 -24.76
C GLY A 116 14.60 54.36 -25.82
N ARG A 117 13.41 53.83 -26.07
CA ARG A 117 12.47 54.37 -27.05
C ARG A 117 13.11 54.42 -28.44
N SER A 118 13.45 53.23 -28.95
CA SER A 118 14.02 53.07 -30.28
C SER A 118 13.47 51.80 -30.89
N ARG A 119 12.76 51.94 -32.02
CA ARG A 119 12.07 50.79 -32.60
C ARG A 119 13.00 49.86 -33.36
N LYS A 120 14.07 50.39 -33.97
CA LYS A 120 14.96 49.55 -34.78
C LYS A 120 15.61 48.46 -33.94
N ASP A 121 16.18 48.82 -32.80
CA ASP A 121 16.85 47.84 -31.96
C ASP A 121 15.86 46.81 -31.43
N PHE A 122 14.67 47.26 -31.04
CA PHE A 122 13.64 46.33 -30.58
C PHE A 122 13.31 45.31 -31.65
N LYS A 123 13.06 45.77 -32.88
CA LYS A 123 12.73 44.85 -33.96
C LYS A 123 13.87 43.89 -34.23
N ARG A 124 15.10 44.40 -34.29
CA ARG A 124 16.24 43.56 -34.63
C ARG A 124 16.47 42.47 -33.59
N TYR A 125 16.53 42.85 -32.32
CA TYR A 125 16.79 41.88 -31.28
C TYR A 125 15.57 41.06 -30.90
N LEU A 126 14.39 41.39 -31.44
CA LEU A 126 13.24 40.50 -31.31
C LEU A 126 13.22 39.45 -32.42
N LEU A 127 13.59 39.83 -33.64
CA LEU A 127 13.70 38.85 -34.71
C LEU A 127 14.82 37.87 -34.44
N ASN A 128 15.93 38.34 -33.86
CA ASN A 128 17.02 37.43 -33.51
C ASN A 128 16.57 36.30 -32.58
N PHE A 129 15.50 36.52 -31.82
CA PHE A 129 14.95 35.52 -30.91
C PHE A 129 13.85 34.71 -31.56
N ILE A 130 12.99 35.36 -32.35
CA ILE A 130 11.92 34.66 -33.04
C ILE A 130 12.49 33.62 -33.99
N ALA A 131 13.54 33.98 -34.72
CA ALA A 131 14.11 33.08 -35.72
C ALA A 131 15.06 32.06 -35.12
N ALA A 132 15.28 32.06 -33.81
CA ALA A 132 16.19 31.12 -33.16
C ALA A 132 15.57 30.38 -31.98
N MET A 133 14.30 30.58 -31.69
CA MET A 133 13.64 29.77 -30.66
C MET A 133 13.38 28.31 -31.10
N PRO A 134 13.16 27.98 -32.38
CA PRO A 134 12.97 26.56 -32.71
C PRO A 134 14.17 25.69 -32.38
N LEU A 135 15.39 26.21 -32.53
CA LEU A 135 16.58 25.44 -32.24
C LEU A 135 16.80 25.23 -30.75
N ILE A 136 16.22 26.08 -29.90
CA ILE A 136 16.41 25.92 -28.46
C ILE A 136 15.53 24.80 -27.92
N SER A 137 14.42 24.49 -28.59
CA SER A 137 13.55 23.41 -28.15
C SER A 137 14.12 22.04 -28.48
N LEU A 138 14.83 21.91 -29.59
CA LEU A 138 15.36 20.60 -29.98
C LEU A 138 16.35 20.09 -28.95
N VAL A 139 17.23 20.95 -28.44
CA VAL A 139 18.22 20.51 -27.47
C VAL A 139 17.55 19.99 -26.21
N ASN A 140 16.60 20.77 -25.67
CA ASN A 140 15.95 20.37 -24.42
C ASN A 140 15.12 19.11 -24.61
N ASN A 141 14.45 18.97 -25.75
CA ASN A 141 13.61 17.80 -25.98
C ASN A 141 14.37 16.62 -26.55
N PHE A 142 15.66 16.75 -26.86
CA PHE A 142 16.47 15.62 -27.28
C PHE A 142 17.29 15.05 -26.14
N LEU A 143 17.69 15.89 -25.20
CA LEU A 143 18.33 15.39 -23.99
C LEU A 143 17.42 14.41 -23.26
N LYS A 144 16.15 14.76 -23.11
CA LYS A 144 15.20 13.90 -22.39
C LYS A 144 14.97 12.59 -23.13
N TYR A 145 14.86 12.63 -24.46
CA TYR A 145 14.70 11.42 -25.23
C TYR A 145 15.89 10.50 -25.04
N GLY A 146 17.11 11.06 -25.09
CA GLY A 146 18.29 10.26 -24.82
C GLY A 146 18.24 9.59 -23.45
N LEU A 147 17.85 10.35 -22.43
CA LEU A 147 17.81 9.81 -21.08
C LEU A 147 16.82 8.65 -20.97
N ASN A 148 15.62 8.82 -21.53
CA ASN A 148 14.60 7.77 -21.44
C ASN A 148 15.06 6.50 -22.16
N GLU A 149 15.63 6.65 -23.36
CA GLU A 149 16.11 5.48 -24.07
C GLU A 149 17.22 4.77 -23.30
N LEU A 150 18.12 5.54 -22.68
CA LEU A 150 19.19 4.92 -21.92
C LEU A 150 18.66 4.12 -20.75
N LYS A 151 17.69 4.67 -20.02
CA LYS A 151 17.09 3.93 -18.90
C LYS A 151 16.48 2.63 -19.38
N LEU A 152 15.73 2.68 -20.48
CA LEU A 152 15.08 1.47 -20.98
C LEU A 152 16.11 0.41 -21.39
N CYS A 153 17.19 0.83 -22.06
CA CYS A 153 18.21 -0.13 -22.47
C CYS A 153 18.86 -0.79 -21.26
N PHE A 154 19.15 0.00 -20.22
CA PHE A 154 19.70 -0.58 -18.99
C PHE A 154 18.75 -1.64 -18.43
N ARG A 155 17.45 -1.32 -18.37
CA ARG A 155 16.48 -2.27 -17.83
C ARG A 155 16.49 -3.58 -18.62
N VAL A 156 16.47 -3.48 -19.95
CA VAL A 156 16.43 -4.69 -20.78
C VAL A 156 17.67 -5.54 -20.55
N ARG A 157 18.85 -4.91 -20.54
CA ARG A 157 20.09 -5.67 -20.35
C ARG A 157 20.08 -6.40 -19.01
N LEU A 158 19.76 -5.68 -17.92
CA LEU A 158 19.81 -6.31 -16.61
C LEU A 158 18.78 -7.43 -16.49
N THR A 159 17.56 -7.22 -17.00
CA THR A 159 16.53 -8.25 -16.89
C THR A 159 16.92 -9.50 -17.67
N LYS A 160 17.47 -9.34 -18.88
CA LYS A 160 17.91 -10.49 -19.63
C LYS A 160 18.98 -11.26 -18.86
N TYR A 161 19.95 -10.55 -18.28
CA TYR A 161 21.00 -11.23 -17.55
C TYR A 161 20.44 -12.02 -16.37
N LEU A 162 19.52 -11.42 -15.62
CA LEU A 162 18.97 -12.11 -14.45
C LEU A 162 18.17 -13.34 -14.85
N TYR A 163 17.31 -13.21 -15.87
CA TYR A 163 16.47 -14.34 -16.25
C TYR A 163 17.25 -15.42 -16.99
N GLU A 164 18.45 -15.13 -17.49
CA GLU A 164 19.26 -16.19 -18.07
C GLU A 164 19.77 -17.18 -17.04
N GLU A 165 19.78 -16.80 -15.75
CA GLU A 165 20.23 -17.68 -14.67
C GLU A 165 19.13 -18.06 -13.70
N TYR A 166 18.06 -17.29 -13.59
CA TYR A 166 16.98 -17.64 -12.69
C TYR A 166 16.19 -18.88 -13.12
N LEU A 167 16.39 -19.35 -14.36
CA LEU A 167 15.63 -20.46 -14.91
C LEU A 167 16.57 -21.57 -15.38
N GLN A 168 17.51 -21.95 -14.51
CA GLN A 168 18.53 -22.94 -14.83
C GLN A 168 18.52 -24.04 -13.77
N ALA A 169 18.10 -25.24 -14.16
CA ALA A 169 18.26 -26.45 -13.36
C ALA A 169 17.65 -26.30 -11.96
N PHE A 170 16.32 -26.17 -11.95
CA PHE A 170 15.50 -26.21 -10.74
C PHE A 170 15.78 -25.04 -9.78
N THR A 171 16.51 -24.01 -10.21
CA THR A 171 16.83 -22.91 -9.30
C THR A 171 15.57 -22.17 -8.87
N TYR A 172 14.63 -21.95 -9.79
CA TYR A 172 13.39 -21.25 -9.47
C TYR A 172 12.59 -21.94 -8.37
N TYR A 173 12.80 -23.23 -8.16
CA TYR A 173 12.12 -23.97 -7.11
C TYR A 173 12.90 -23.96 -5.81
N LYS A 174 14.22 -24.20 -5.88
CA LYS A 174 15.04 -24.20 -4.67
C LYS A 174 15.01 -22.84 -3.99
N MET A 175 15.12 -21.77 -4.78
CA MET A 175 15.09 -20.43 -4.18
C MET A 175 13.78 -20.17 -3.46
N GLY A 176 12.67 -20.59 -4.05
CA GLY A 176 11.38 -20.33 -3.42
C GLY A 176 11.16 -21.17 -2.17
N ASN A 177 11.43 -22.47 -2.25
CA ASN A 177 11.09 -23.40 -1.19
C ASN A 177 12.29 -23.83 -0.34
N LEU A 178 13.38 -24.25 -0.99
CA LEU A 178 14.50 -24.82 -0.27
C LEU A 178 15.39 -23.77 0.40
N ASP A 179 15.22 -22.49 0.08
CA ASP A 179 15.99 -21.40 0.69
C ASP A 179 15.04 -20.33 1.20
N ASN A 180 15.47 -19.62 2.24
CA ASN A 180 14.69 -18.54 2.85
C ASN A 180 15.42 -17.21 2.86
N ARG A 181 16.55 -17.10 2.14
CA ARG A 181 17.29 -15.84 2.12
C ARG A 181 16.47 -14.73 1.46
N ILE A 182 15.75 -15.05 0.39
CA ILE A 182 14.90 -14.10 -0.32
C ILE A 182 13.46 -14.57 -0.21
N ALA A 183 12.55 -13.63 0.02
CA ALA A 183 11.12 -13.89 0.13
C ALA A 183 10.38 -13.19 -1.00
N ASN A 184 9.53 -13.92 -1.69
CA ASN A 184 8.72 -13.38 -2.78
C ASN A 184 9.59 -12.81 -3.89
N PRO A 185 10.36 -13.63 -4.61
CA PRO A 185 11.22 -13.08 -5.68
C PRO A 185 10.47 -12.47 -6.86
N ASP A 186 9.18 -12.77 -7.05
CA ASP A 186 8.47 -12.25 -8.22
C ASP A 186 8.40 -10.73 -8.20
N GLN A 187 8.46 -10.11 -7.02
CA GLN A 187 8.50 -8.66 -6.94
C GLN A 187 9.92 -8.13 -7.06
N LEU A 188 10.89 -8.84 -6.51
CA LEU A 188 12.28 -8.41 -6.62
C LEU A 188 12.78 -8.44 -8.06
N LEU A 189 12.26 -9.36 -8.87
CA LEU A 189 12.69 -9.49 -10.26
C LEU A 189 11.92 -8.60 -11.21
N THR A 190 10.90 -7.87 -10.74
CA THR A 190 10.07 -7.01 -11.58
C THR A 190 10.14 -5.54 -11.20
N GLN A 191 9.90 -5.23 -9.92
CA GLN A 191 9.79 -3.84 -9.50
C GLN A 191 11.11 -3.22 -9.10
N ASP A 192 12.06 -4.02 -8.60
CA ASP A 192 13.33 -3.46 -8.16
C ASP A 192 14.25 -3.13 -9.33
N VAL A 193 14.20 -3.91 -10.41
CA VAL A 193 15.06 -3.64 -11.55
C VAL A 193 14.69 -2.30 -12.19
N GLU A 194 13.39 -2.05 -12.36
CA GLU A 194 12.95 -0.79 -12.95
C GLU A 194 13.40 0.40 -12.12
N LYS A 195 13.19 0.31 -10.80
CA LYS A 195 13.54 1.42 -9.92
C LYS A 195 15.05 1.65 -9.91
N PHE A 196 15.84 0.58 -9.87
CA PHE A 196 17.29 0.74 -9.88
C PHE A 196 17.75 1.40 -11.16
N CYS A 197 17.23 0.96 -12.30
CA CYS A 197 17.64 1.54 -13.57
C CYS A 197 17.23 3.00 -13.68
N ASN A 198 16.04 3.36 -13.20
CA ASN A 198 15.64 4.75 -13.23
C ASN A 198 16.54 5.61 -12.33
N SER A 199 16.87 5.12 -11.14
CA SER A 199 17.63 5.92 -10.19
C SER A 199 19.06 6.12 -10.63
N VAL A 200 19.70 5.07 -11.18
CA VAL A 200 21.10 5.19 -11.56
C VAL A 200 21.32 6.20 -12.69
N VAL A 201 20.26 6.58 -13.41
CA VAL A 201 20.37 7.54 -14.51
C VAL A 201 19.87 8.89 -14.03
N ASP A 202 18.90 8.91 -13.13
CA ASP A 202 18.48 10.18 -12.53
C ASP A 202 19.64 10.83 -11.78
N LEU A 203 20.42 10.03 -11.06
CA LEU A 203 21.59 10.58 -10.37
C LEU A 203 22.57 11.21 -11.35
N TYR A 204 22.83 10.52 -12.45
CA TYR A 204 23.80 11.01 -13.44
C TYR A 204 23.30 12.29 -14.10
N SER A 205 22.01 12.36 -14.43
CA SER A 205 21.49 13.54 -15.10
C SER A 205 21.19 14.69 -14.13
N ASN A 206 21.20 14.44 -12.82
CA ASN A 206 20.98 15.51 -11.85
C ASN A 206 22.27 16.05 -11.23
N LEU A 207 23.34 15.26 -11.17
CA LEU A 207 24.62 15.76 -10.66
C LEU A 207 25.47 16.41 -11.73
N SER A 208 25.03 16.46 -12.98
CA SER A 208 25.86 16.91 -14.10
C SER A 208 25.44 18.26 -14.67
N LYS A 209 24.20 18.68 -14.51
CA LYS A 209 23.79 19.98 -15.01
C LYS A 209 24.25 21.10 -14.07
N PRO A 210 23.99 21.02 -12.76
CA PRO A 210 24.47 22.11 -11.89
C PRO A 210 25.98 22.29 -11.90
N PHE A 211 26.74 21.21 -12.07
CA PHE A 211 28.20 21.32 -12.12
C PHE A 211 28.64 22.21 -13.27
N LEU A 212 28.11 21.95 -14.46
CA LEU A 212 28.44 22.80 -15.61
C LEU A 212 27.94 24.22 -15.41
N ASP A 213 26.74 24.37 -14.84
CA ASP A 213 26.20 25.71 -14.61
C ASP A 213 27.13 26.54 -13.72
N ILE A 214 27.57 25.97 -12.60
CA ILE A 214 28.43 26.73 -11.70
C ILE A 214 29.81 26.95 -12.34
N VAL A 215 30.33 25.95 -13.05
CA VAL A 215 31.65 26.11 -13.66
C VAL A 215 31.64 27.20 -14.73
N LEU A 216 30.49 27.45 -15.36
CA LEU A 216 30.41 28.52 -16.35
C LEU A 216 30.14 29.88 -15.70
N TYR A 217 29.23 29.93 -14.72
CA TYR A 217 28.87 31.20 -14.10
C TYR A 217 29.90 31.70 -13.09
N ILE A 218 30.87 30.88 -12.68
CA ILE A 218 31.94 31.35 -11.82
C ILE A 218 33.13 31.85 -12.63
N PHE A 219 33.19 31.55 -13.93
CA PHE A 219 34.21 32.09 -14.82
C PHE A 219 33.70 33.16 -15.76
N LYS A 220 32.38 33.35 -15.85
CA LYS A 220 31.82 34.54 -16.48
C LYS A 220 31.49 35.65 -15.50
N LEU A 221 31.76 35.45 -14.21
CA LEU A 221 31.55 36.50 -13.21
C LEU A 221 32.85 36.99 -12.58
N THR A 222 33.96 36.31 -12.83
CA THR A 222 35.26 36.71 -12.34
C THR A 222 35.91 37.74 -13.24
N SER A 223 35.24 38.09 -14.33
CA SER A 223 35.64 39.17 -15.21
C SER A 223 34.71 40.36 -15.09
N ALA A 224 33.45 40.12 -14.73
CA ALA A 224 32.51 41.22 -14.54
C ALA A 224 32.63 41.80 -13.14
N ILE A 225 32.34 41.02 -12.11
CA ILE A 225 32.40 41.55 -10.75
C ILE A 225 33.82 41.58 -10.23
N GLY A 226 34.42 40.40 -10.10
CA GLY A 226 35.76 40.28 -9.56
C GLY A 226 35.94 38.91 -8.96
N ALA A 227 37.14 38.69 -8.43
CA ALA A 227 37.46 37.39 -7.85
C ALA A 227 36.61 37.11 -6.62
N GLN A 228 36.33 38.13 -5.82
CA GLN A 228 35.59 37.96 -4.59
C GLN A 228 34.08 37.90 -4.78
N GLY A 229 33.58 38.27 -5.97
CA GLY A 229 32.16 38.35 -6.22
C GLY A 229 31.42 37.08 -5.90
N PRO A 230 31.63 36.03 -6.69
CA PRO A 230 30.96 34.75 -6.38
C PRO A 230 31.37 34.15 -5.05
N ALA A 231 32.64 34.28 -4.64
CA ALA A 231 33.11 33.62 -3.43
C ALA A 231 32.42 34.14 -2.19
N SER A 232 32.24 35.46 -2.09
CA SER A 232 31.59 36.04 -0.92
C SER A 232 30.12 35.69 -0.82
N MET A 233 29.52 35.17 -1.90
CA MET A 233 28.16 34.65 -1.87
C MET A 233 28.13 33.16 -1.54
N MET A 234 29.06 32.38 -2.10
CA MET A 234 29.11 30.96 -1.78
C MET A 234 29.37 30.75 -0.30
N ALA A 235 30.28 31.53 0.28
CA ALA A 235 30.57 31.38 1.71
C ALA A 235 29.33 31.65 2.56
N TYR A 236 28.60 32.72 2.24
CA TYR A 236 27.39 33.02 3.00
C TYR A 236 26.37 31.90 2.87
N LEU A 237 26.17 31.39 1.65
CA LEU A 237 25.18 30.32 1.46
C LEU A 237 25.56 29.09 2.29
N VAL A 238 26.83 28.71 2.28
CA VAL A 238 27.25 27.53 3.04
C VAL A 238 27.01 27.74 4.53
N VAL A 239 27.42 28.91 5.05
CA VAL A 239 27.30 29.13 6.49
C VAL A 239 25.83 29.18 6.91
N SER A 240 24.99 29.87 6.14
CA SER A 240 23.57 29.94 6.48
C SER A 240 22.93 28.55 6.42
N GLY A 241 23.29 27.75 5.43
CA GLY A 241 22.76 26.39 5.35
C GLY A 241 23.13 25.58 6.58
N LEU A 242 24.39 25.66 7.00
CA LEU A 242 24.81 24.94 8.20
C LEU A 242 24.03 25.40 9.43
N PHE A 243 23.88 26.72 9.58
CA PHE A 243 23.17 27.25 10.74
C PHE A 243 21.72 26.77 10.79
N LEU A 244 21.02 26.86 9.65
CA LEU A 244 19.63 26.42 9.60
C LEU A 244 19.51 24.93 9.87
N THR A 245 20.38 24.12 9.26
CA THR A 245 20.32 22.68 9.48
C THR A 245 20.54 22.36 10.95
N ARG A 246 21.47 23.05 11.61
CA ARG A 246 21.68 22.82 13.04
C ARG A 246 20.44 23.20 13.84
N LEU A 247 19.81 24.33 13.49
CA LEU A 247 18.63 24.76 14.25
C LEU A 247 17.46 23.79 14.08
N ARG A 248 17.30 23.20 12.90
CA ARG A 248 16.11 22.44 12.57
C ARG A 248 16.12 21.00 13.10
N ARG A 249 16.94 20.70 14.10
CA ARG A 249 17.02 19.33 14.61
C ARG A 249 15.71 18.83 15.23
N PRO A 250 15.01 19.58 16.10
CA PRO A 250 13.88 18.98 16.82
C PRO A 250 12.75 18.47 15.93
N ILE A 251 12.62 18.94 14.70
CA ILE A 251 11.55 18.46 13.83
C ILE A 251 11.68 16.95 13.60
N GLY A 252 12.90 16.43 13.63
CA GLY A 252 13.10 15.01 13.40
C GLY A 252 12.73 14.12 14.56
N LYS A 253 12.50 14.70 15.74
CA LYS A 253 12.16 13.94 16.94
C LYS A 253 10.67 13.94 17.25
N MET A 254 9.91 14.89 16.73
CA MET A 254 8.47 14.95 16.96
C MET A 254 7.68 14.18 15.90
N THR A 255 8.23 14.04 14.70
CA THR A 255 7.55 13.32 13.64
C THR A 255 7.51 11.81 13.87
N ILE A 256 8.28 11.30 14.83
CA ILE A 256 8.17 9.90 15.21
C ILE A 256 7.15 9.72 16.33
N THR A 257 7.10 10.67 17.27
CA THR A 257 6.08 10.63 18.31
C THR A 257 4.69 10.76 17.71
N GLU A 258 4.53 11.60 16.69
CA GLU A 258 3.25 11.73 16.02
C GLU A 258 2.80 10.38 15.44
N GLN A 259 3.73 9.69 14.76
CA GLN A 259 3.40 8.40 14.16
C GLN A 259 3.07 7.36 15.23
N LYS A 260 3.79 7.38 16.35
CA LYS A 260 3.49 6.46 17.44
C LYS A 260 2.07 6.68 17.97
N TYR A 261 1.69 7.94 18.20
CA TYR A 261 0.36 8.22 18.72
C TYR A 261 -0.73 7.85 17.72
N GLU A 262 -0.50 8.13 16.43
CA GLU A 262 -1.49 7.73 15.43
C GLU A 262 -1.65 6.22 15.37
N GLY A 263 -0.53 5.48 15.49
CA GLY A 263 -0.61 4.04 15.53
C GLY A 263 -1.40 3.54 16.72
N GLU A 264 -1.20 4.16 17.88
CA GLU A 264 -1.99 3.79 19.06
C GLU A 264 -3.47 4.02 18.83
N TYR A 265 -3.82 5.16 18.22
CA TYR A 265 -5.23 5.45 17.97
C TYR A 265 -5.87 4.42 17.06
N ARG A 266 -5.20 4.10 15.95
CA ARG A 266 -5.75 3.10 15.03
C ARG A 266 -5.82 1.73 15.70
N TYR A 267 -4.83 1.38 16.52
CA TYR A 267 -4.86 0.10 17.21
C TYR A 267 -6.04 0.00 18.16
N VAL A 268 -6.32 1.07 18.90
CA VAL A 268 -7.47 1.05 19.81
C VAL A 268 -8.76 0.87 19.04
N ASN A 269 -8.90 1.58 17.92
CA ASN A 269 -10.11 1.43 17.11
C ASN A 269 -10.27 0.00 16.60
N SER A 270 -9.18 -0.59 16.09
CA SER A 270 -9.26 -1.96 15.57
C SER A 270 -9.62 -2.94 16.67
N ARG A 271 -9.02 -2.76 17.86
CA ARG A 271 -9.35 -3.61 19.00
C ARG A 271 -10.84 -3.48 19.35
N LEU A 272 -11.38 -2.27 19.32
CA LEU A 272 -12.80 -2.08 19.58
C LEU A 272 -13.64 -2.85 18.56
N ILE A 273 -13.27 -2.75 17.27
CA ILE A 273 -14.07 -3.40 16.24
C ILE A 273 -14.04 -4.92 16.38
N THR A 274 -12.86 -5.48 16.65
CA THR A 274 -12.74 -6.93 16.63
C THR A 274 -13.55 -7.57 17.74
N ASN A 275 -13.51 -7.01 18.94
CA ASN A 275 -14.14 -7.58 20.13
C ASN A 275 -15.47 -6.91 20.47
N SER A 276 -16.20 -6.46 19.44
CA SER A 276 -17.45 -5.75 19.66
C SER A 276 -18.50 -6.63 20.32
N GLU A 277 -18.62 -7.88 19.85
CA GLU A 277 -19.68 -8.76 20.35
C GLU A 277 -19.49 -9.03 21.83
N GLU A 278 -18.26 -9.30 22.26
CA GLU A 278 -18.03 -9.66 23.66
C GLU A 278 -18.39 -8.50 24.58
N ILE A 279 -18.05 -7.27 24.18
CA ILE A 279 -18.30 -6.13 25.05
C ILE A 279 -19.74 -5.64 24.93
N ALA A 280 -20.47 -6.06 23.90
CA ALA A 280 -21.87 -5.65 23.76
C ALA A 280 -22.78 -6.32 24.78
N PHE A 281 -22.33 -7.37 25.45
CA PHE A 281 -23.21 -8.07 26.40
C PHE A 281 -23.39 -7.29 27.70
N TYR A 282 -22.32 -6.66 28.20
CA TYR A 282 -22.39 -5.86 29.43
C TYR A 282 -21.89 -4.45 29.16
N ASN A 283 -22.79 -3.61 28.64
CA ASN A 283 -22.66 -2.15 28.60
C ASN A 283 -21.24 -1.67 28.34
N GLY A 284 -20.71 -2.08 27.19
CA GLY A 284 -19.39 -1.65 26.78
C GLY A 284 -19.33 -0.27 26.16
N ASN A 285 -20.43 0.49 26.23
CA ASN A 285 -20.48 1.78 25.57
C ASN A 285 -19.64 2.81 26.30
N LYS A 286 -19.74 2.87 27.63
CA LYS A 286 -19.16 3.96 28.40
C LYS A 286 -17.64 3.94 28.37
N ARG A 287 -17.05 2.83 28.84
CA ARG A 287 -15.59 2.73 28.97
C ARG A 287 -14.88 3.03 27.64
N GLU A 288 -15.22 2.27 26.59
CA GLU A 288 -14.48 2.42 25.33
C GLU A 288 -14.52 3.86 24.81
N LYS A 289 -15.63 4.56 25.04
CA LYS A 289 -15.69 5.98 24.70
C LYS A 289 -14.61 6.75 25.44
N GLN A 290 -14.45 6.49 26.74
CA GLN A 290 -13.43 7.17 27.51
C GLN A 290 -12.03 6.85 27.00
N THR A 291 -11.78 5.59 26.65
CA THR A 291 -10.45 5.22 26.17
C THR A 291 -10.11 5.92 24.86
N VAL A 292 -11.02 5.87 23.88
CA VAL A 292 -10.75 6.55 22.62
C VAL A 292 -10.61 8.05 22.84
N HIS A 293 -11.40 8.61 23.75
CA HIS A 293 -11.29 10.04 24.05
C HIS A 293 -9.91 10.37 24.61
N SER A 294 -9.40 9.54 25.52
CA SER A 294 -8.09 9.82 26.11
C SER A 294 -6.99 9.79 25.05
N VAL A 295 -7.01 8.77 24.19
CA VAL A 295 -5.97 8.69 23.15
C VAL A 295 -6.07 9.88 22.21
N PHE A 296 -7.28 10.23 21.79
CA PHE A 296 -7.44 11.37 20.88
C PHE A 296 -7.00 12.66 21.55
N ARG A 297 -7.26 12.80 22.84
CA ARG A 297 -6.84 14.01 23.56
C ARG A 297 -5.33 14.13 23.60
N LYS A 298 -4.63 13.01 23.85
CA LYS A 298 -3.16 13.04 23.81
C LYS A 298 -2.66 13.49 22.44
N LEU A 299 -3.20 12.90 21.38
CA LEU A 299 -2.75 13.26 20.03
C LEU A 299 -2.99 14.74 19.74
N VAL A 300 -4.20 15.23 20.01
CA VAL A 300 -4.55 16.59 19.67
C VAL A 300 -3.84 17.60 20.56
N GLU A 301 -3.37 17.19 21.74
CA GLU A 301 -2.57 18.07 22.56
C GLU A 301 -1.11 18.12 22.10
N HIS A 302 -0.59 17.03 21.54
CA HIS A 302 0.75 17.07 20.95
C HIS A 302 0.80 17.95 19.70
N LEU A 303 -0.25 17.88 18.88
CA LEU A 303 -0.22 18.59 17.60
C LEU A 303 -0.09 20.11 17.80
N HIS A 304 -0.64 20.67 18.88
CA HIS A 304 -0.54 22.11 19.09
C HIS A 304 0.90 22.55 19.27
N ASN A 305 1.65 21.84 20.10
CA ASN A 305 3.06 22.17 20.30
C ASN A 305 3.83 22.01 18.99
N PHE A 306 3.52 20.96 18.23
CA PHE A 306 4.20 20.80 16.94
C PHE A 306 3.95 22.01 16.04
N ILE A 307 2.71 22.48 15.97
CA ILE A 307 2.37 23.60 15.09
C ILE A 307 3.08 24.87 15.54
N LEU A 308 3.10 25.13 16.86
CA LEU A 308 3.77 26.34 17.35
C LEU A 308 5.26 26.31 17.01
N PHE A 309 5.92 25.17 17.21
CA PHE A 309 7.34 25.10 16.87
C PHE A 309 7.56 25.35 15.38
N ARG A 310 6.72 24.74 14.53
CA ARG A 310 6.84 24.97 13.10
C ARG A 310 6.71 26.46 12.77
N PHE A 311 5.77 27.14 13.43
CA PHE A 311 5.56 28.56 13.18
C PHE A 311 6.81 29.38 13.49
N SER A 312 7.38 29.17 14.68
CA SER A 312 8.56 29.95 15.05
C SER A 312 9.74 29.66 14.13
N MET A 313 9.96 28.38 13.81
CA MET A 313 11.07 28.03 12.95
C MET A 313 10.91 28.64 11.56
N GLY A 314 9.70 28.62 11.02
CA GLY A 314 9.48 29.24 9.71
C GLY A 314 9.74 30.75 9.75
N PHE A 315 9.33 31.41 10.84
CA PHE A 315 9.61 32.83 10.95
C PHE A 315 11.10 33.12 10.91
N ILE A 316 11.89 32.34 11.65
CA ILE A 316 13.35 32.57 11.60
C ILE A 316 13.90 32.28 10.21
N ASP A 317 13.44 31.19 9.61
CA ASP A 317 14.01 30.73 8.34
C ASP A 317 13.79 31.75 7.23
N SER A 318 12.58 32.33 7.16
CA SER A 318 12.32 33.32 6.12
C SER A 318 13.34 34.45 6.14
N ILE A 319 13.54 35.06 7.31
CA ILE A 319 14.48 36.18 7.42
C ILE A 319 15.88 35.72 7.05
N ILE A 320 16.32 34.60 7.59
CA ILE A 320 17.73 34.23 7.42
C ILE A 320 18.04 33.85 5.98
N ALA A 321 17.10 33.19 5.29
CA ALA A 321 17.41 32.54 4.02
C ALA A 321 16.67 33.09 2.80
N LYS A 322 15.83 34.12 2.94
CA LYS A 322 15.15 34.69 1.78
C LYS A 322 15.34 36.19 1.62
N TYR A 323 15.34 36.95 2.71
CA TYR A 323 15.39 38.40 2.66
C TYR A 323 16.76 38.96 3.02
N LEU A 324 17.77 38.11 3.17
CA LEU A 324 19.15 38.54 3.37
C LEU A 324 20.08 38.11 2.26
N ALA A 325 19.80 36.98 1.60
CA ALA A 325 20.53 36.62 0.40
C ALA A 325 20.38 37.70 -0.67
N THR A 326 19.19 38.31 -0.77
CA THR A 326 18.98 39.38 -1.73
C THR A 326 19.84 40.60 -1.42
N VAL A 327 19.95 40.94 -0.14
CA VAL A 327 20.78 42.07 0.26
C VAL A 327 22.25 41.81 -0.05
N VAL A 328 22.72 40.59 0.25
CA VAL A 328 24.09 40.25 -0.07
C VAL A 328 24.32 40.34 -1.58
N GLY A 329 23.35 39.88 -2.37
CA GLY A 329 23.48 39.98 -3.81
C GLY A 329 23.56 41.42 -4.29
N TYR A 330 22.71 42.28 -3.73
CA TYR A 330 22.75 43.70 -4.09
C TYR A 330 24.12 44.29 -3.82
N LEU A 331 24.65 44.06 -2.61
CA LEU A 331 25.95 44.64 -2.27
C LEU A 331 27.04 44.13 -3.21
N VAL A 332 27.08 42.81 -3.43
CA VAL A 332 28.15 42.22 -4.24
C VAL A 332 28.09 42.74 -5.66
N VAL A 333 26.89 42.79 -6.25
CA VAL A 333 26.79 43.23 -7.64
C VAL A 333 27.00 44.75 -7.75
N SER A 334 26.72 45.50 -6.68
CA SER A 334 26.85 46.95 -6.75
C SER A 334 28.27 47.45 -6.58
N ARG A 335 29.15 46.65 -5.96
CA ARG A 335 30.53 47.10 -5.74
C ARG A 335 31.22 47.68 -6.97
N PRO A 336 31.15 47.09 -8.18
CA PRO A 336 31.82 47.71 -9.34
C PRO A 336 31.27 49.06 -9.75
N PHE A 337 29.96 49.31 -9.61
CA PHE A 337 29.37 50.53 -10.14
C PHE A 337 29.67 51.73 -9.24
N LEU A 338 29.45 51.59 -7.94
CA LEU A 338 29.60 52.71 -7.02
C LEU A 338 31.07 52.96 -6.68
N ASP A 339 31.90 53.11 -7.71
CA ASP A 339 33.33 53.41 -7.53
C ASP A 339 33.76 54.11 -8.81
N LEU A 340 33.82 55.45 -8.75
CA LEU A 340 34.05 56.23 -9.96
C LEU A 340 35.42 55.95 -10.57
N SER A 341 36.44 55.81 -9.74
CA SER A 341 37.81 55.58 -10.19
C SER A 341 38.10 54.12 -10.56
N HIS A 342 37.08 53.29 -10.78
CA HIS A 342 37.29 51.89 -11.05
C HIS A 342 38.17 51.73 -12.31
N PRO A 343 39.05 50.71 -12.36
CA PRO A 343 40.03 50.67 -13.46
C PRO A 343 39.43 50.43 -14.82
N ARG A 344 38.78 51.45 -15.37
CA ARG A 344 38.40 51.57 -16.77
C ARG A 344 37.29 50.62 -17.20
N HIS A 345 36.77 49.77 -16.31
CA HIS A 345 35.74 48.81 -16.75
C HIS A 345 34.50 49.54 -17.25
N LEU A 346 34.06 50.56 -16.53
CA LEU A 346 32.84 51.30 -16.85
C LEU A 346 33.12 52.79 -16.94
N LYS A 347 33.22 53.29 -18.16
CA LYS A 347 33.23 54.72 -18.47
C LYS A 347 32.39 54.95 -19.70
N SER A 348 31.21 54.33 -19.73
CA SER A 348 30.35 54.23 -20.90
C SER A 348 28.98 54.85 -20.60
N THR A 349 28.06 54.73 -21.56
CA THR A 349 26.77 55.40 -21.51
C THR A 349 25.76 54.57 -20.71
N HIS A 350 24.55 55.14 -20.54
CA HIS A 350 23.53 54.50 -19.71
C HIS A 350 23.06 53.18 -20.32
N SER A 351 22.90 53.15 -21.65
CA SER A 351 22.45 51.96 -22.35
C SER A 351 23.47 50.84 -22.36
N GLU A 352 24.64 51.02 -21.74
CA GLU A 352 25.60 49.96 -21.50
C GLU A 352 25.70 49.57 -20.04
N LEU A 353 25.59 50.55 -19.13
CA LEU A 353 25.48 50.25 -17.71
C LEU A 353 24.27 49.38 -17.43
N LEU A 354 23.16 49.61 -18.15
CA LEU A 354 21.95 48.82 -17.93
C LEU A 354 22.19 47.34 -18.20
N GLU A 355 22.71 47.02 -19.38
CA GLU A 355 23.00 45.62 -19.71
C GLU A 355 24.05 45.05 -18.78
N ASP A 356 25.12 45.80 -18.53
CA ASP A 356 26.20 45.29 -17.70
C ASP A 356 25.70 44.93 -16.31
N TYR A 357 24.75 45.70 -15.77
CA TYR A 357 24.19 45.34 -14.47
C TYR A 357 23.29 44.12 -14.57
N TYR A 358 22.38 44.11 -15.55
CA TYR A 358 21.35 43.08 -15.49
C TYR A 358 21.88 41.71 -15.89
N GLN A 359 22.88 41.62 -16.75
CA GLN A 359 23.47 40.31 -17.04
C GLN A 359 24.04 39.67 -15.78
N SER A 360 24.83 40.43 -15.01
CA SER A 360 25.40 39.91 -13.77
C SER A 360 24.31 39.61 -12.74
N GLY A 361 23.29 40.49 -12.65
CA GLY A 361 22.21 40.24 -11.73
C GLY A 361 21.48 38.94 -12.01
N ARG A 362 21.26 38.64 -13.29
CA ARG A 362 20.58 37.39 -13.64
C ARG A 362 21.49 36.18 -13.53
N MET A 363 22.80 36.34 -13.71
CA MET A 363 23.71 35.21 -13.56
C MET A 363 23.93 34.82 -12.10
N LEU A 364 23.90 35.78 -11.17
CA LEU A 364 24.09 35.41 -9.77
C LEU A 364 22.96 34.51 -9.27
N LEU A 365 21.72 34.79 -9.67
CA LEU A 365 20.61 33.94 -9.26
C LEU A 365 20.79 32.51 -9.75
N ARG A 366 21.21 32.35 -11.00
CA ARG A 366 21.36 31.01 -11.57
C ARG A 366 22.57 30.30 -11.01
N MET A 367 23.59 31.03 -10.55
CA MET A 367 24.68 30.38 -9.82
C MET A 367 24.23 29.96 -8.43
N SER A 368 23.33 30.73 -7.80
CA SER A 368 22.88 30.38 -6.46
C SER A 368 21.92 29.19 -6.47
N GLN A 369 21.03 29.12 -7.46
CA GLN A 369 20.09 28.01 -7.53
C GLN A 369 20.81 26.68 -7.79
N ALA A 370 21.94 26.73 -8.47
CA ALA A 370 22.67 25.50 -8.78
C ALA A 370 23.16 24.81 -7.52
N LEU A 371 23.61 25.59 -6.52
CA LEU A 371 24.02 25.00 -5.26
C LEU A 371 22.87 24.28 -4.58
N GLY A 372 21.69 24.90 -4.56
CA GLY A 372 20.54 24.23 -3.97
C GLY A 372 20.21 22.94 -4.69
N ARG A 373 20.24 22.96 -6.01
CA ARG A 373 19.93 21.74 -6.76
C ARG A 373 20.96 20.65 -6.52
N ILE A 374 22.25 21.00 -6.51
CA ILE A 374 23.28 19.97 -6.36
C ILE A 374 23.27 19.43 -4.93
N VAL A 375 22.92 20.24 -3.94
CA VAL A 375 22.81 19.74 -2.58
C VAL A 375 21.59 18.83 -2.44
N LEU A 376 20.45 19.23 -3.03
CA LEU A 376 19.26 18.40 -2.95
C LEU A 376 19.43 17.09 -3.72
N ALA A 377 20.29 17.07 -4.74
CA ALA A 377 20.52 15.84 -5.49
C ALA A 377 21.34 14.81 -4.73
N GLY A 378 21.85 15.16 -3.55
CA GLY A 378 22.62 14.22 -2.75
C GLY A 378 21.81 13.23 -1.93
N ARG A 379 20.49 13.30 -1.98
CA ARG A 379 19.62 12.35 -1.29
C ARG A 379 19.23 11.16 -2.16
N GLU A 380 19.80 11.05 -3.36
CA GLU A 380 19.55 9.91 -4.22
C GLU A 380 20.48 8.74 -3.92
N MET A 381 21.69 9.02 -3.45
CA MET A 381 22.64 7.94 -3.18
C MET A 381 22.18 7.07 -2.02
N THR A 382 21.61 7.70 -0.98
CA THR A 382 21.12 6.92 0.16
C THR A 382 20.02 5.96 -0.28
N ARG A 383 19.19 6.36 -1.24
CA ARG A 383 18.17 5.45 -1.76
C ARG A 383 18.79 4.39 -2.66
N LEU A 384 19.72 4.79 -3.53
CA LEU A 384 20.32 3.84 -4.46
C LEU A 384 21.09 2.75 -3.73
N ALA A 385 21.58 3.04 -2.52
CA ALA A 385 22.32 2.04 -1.77
C ALA A 385 21.46 0.82 -1.47
N GLY A 386 20.19 1.02 -1.12
CA GLY A 386 19.31 -0.11 -0.84
C GLY A 386 19.12 -1.00 -2.06
N PHE A 387 18.86 -0.39 -3.21
CA PHE A 387 18.67 -1.17 -4.44
C PHE A 387 19.93 -1.92 -4.81
N THR A 388 21.09 -1.27 -4.70
CA THR A 388 22.34 -1.96 -5.01
C THR A 388 22.54 -3.16 -4.08
N ALA A 389 22.28 -2.98 -2.78
CA ALA A 389 22.44 -4.08 -1.85
C ALA A 389 21.51 -5.24 -2.19
N ARG A 390 20.24 -4.94 -2.48
CA ARG A 390 19.29 -5.99 -2.78
C ARG A 390 19.68 -6.77 -4.03
N ILE A 391 20.09 -6.05 -5.09
CA ILE A 391 20.43 -6.75 -6.33
C ILE A 391 21.71 -7.58 -6.14
N THR A 392 22.67 -7.08 -5.38
CA THR A 392 23.87 -7.88 -5.12
C THR A 392 23.53 -9.13 -4.33
N GLU A 393 22.63 -9.00 -3.35
CA GLU A 393 22.19 -10.17 -2.59
C GLU A 393 21.55 -11.20 -3.52
N LEU A 394 20.69 -10.74 -4.42
CA LEU A 394 20.02 -11.67 -5.35
C LEU A 394 21.04 -12.38 -6.23
N MET A 395 22.00 -11.63 -6.78
CA MET A 395 23.00 -12.25 -7.65
C MET A 395 23.81 -13.28 -6.89
N GLN A 396 24.21 -12.97 -5.64
CA GLN A 396 24.98 -13.92 -4.86
C GLN A 396 24.18 -15.18 -4.59
N VAL A 397 22.89 -15.04 -4.25
CA VAL A 397 22.09 -16.22 -3.95
C VAL A 397 21.90 -17.08 -5.20
N LEU A 398 21.70 -16.45 -6.36
CA LEU A 398 21.60 -17.22 -7.59
C LEU A 398 22.89 -17.99 -7.86
N LYS A 399 24.04 -17.33 -7.67
CA LYS A 399 25.32 -18.00 -7.89
C LYS A 399 25.52 -19.15 -6.93
N ASP A 400 25.10 -18.99 -5.68
CA ASP A 400 25.18 -20.09 -4.72
C ASP A 400 24.30 -21.26 -5.16
N LEU A 401 23.04 -20.99 -5.49
CA LEU A 401 22.11 -22.06 -5.81
C LEU A 401 22.52 -22.81 -7.07
N ASN A 402 23.10 -22.11 -8.06
CA ASN A 402 23.58 -22.81 -9.25
C ASN A 402 24.64 -23.87 -8.91
N HIS A 403 25.30 -23.74 -7.77
CA HIS A 403 26.20 -24.76 -7.26
C HIS A 403 25.47 -25.59 -6.20
N GLY A 404 26.15 -26.60 -5.67
CA GLY A 404 25.57 -27.47 -4.68
C GLY A 404 25.64 -26.91 -3.27
N LYS A 405 25.11 -25.71 -3.07
CA LYS A 405 25.09 -25.06 -1.77
C LYS A 405 23.70 -24.49 -1.50
N TYR A 406 23.37 -24.37 -0.22
CA TYR A 406 22.13 -23.79 0.23
C TYR A 406 22.19 -23.60 1.74
N GLU A 407 21.47 -22.58 2.22
CA GLU A 407 21.45 -22.26 3.65
C GLU A 407 20.04 -21.84 4.03
N ARG A 408 19.73 -22.00 5.32
CA ARG A 408 18.43 -21.64 5.88
C ARG A 408 17.31 -22.42 5.18
N THR A 409 17.36 -23.74 5.34
CA THR A 409 16.39 -24.62 4.69
C THR A 409 14.98 -24.35 5.21
N MET A 410 14.04 -24.23 4.26
CA MET A 410 12.60 -24.08 4.50
C MET A 410 12.19 -23.39 5.81
N ILE A 424 24.53 -36.94 12.91
CA ILE A 424 23.75 -36.46 11.78
C ILE A 424 24.63 -36.50 10.52
N PRO A 425 24.16 -37.09 9.41
CA PRO A 425 25.00 -37.17 8.22
C PRO A 425 25.19 -35.83 7.54
N LEU A 426 25.98 -35.81 6.46
CA LEU A 426 26.24 -34.58 5.74
C LEU A 426 24.94 -34.03 5.15
N ILE A 427 24.70 -32.73 5.37
CA ILE A 427 23.43 -32.11 5.00
C ILE A 427 23.35 -31.90 3.50
N PRO A 428 24.26 -31.10 2.85
CA PRO A 428 24.03 -30.71 1.45
C PRO A 428 23.86 -31.88 0.49
N GLY A 429 24.85 -32.76 0.42
CA GLY A 429 24.72 -33.95 -0.39
C GLY A 429 25.82 -34.94 -0.13
N ALA A 430 25.47 -36.20 0.12
CA ALA A 430 26.46 -37.27 0.27
C ALA A 430 25.87 -38.56 -0.26
N GLY A 431 26.18 -38.87 -1.52
CA GLY A 431 25.77 -40.12 -2.13
C GLY A 431 26.32 -40.22 -3.53
N GLU A 432 25.53 -40.78 -4.44
CA GLU A 432 25.84 -40.78 -5.87
C GLU A 432 24.60 -41.23 -6.63
N ILE A 433 24.49 -40.74 -7.86
CA ILE A 433 23.33 -40.98 -8.73
C ILE A 433 23.85 -41.58 -10.02
N ILE A 434 23.42 -42.80 -10.32
CA ILE A 434 23.74 -43.50 -11.56
C ILE A 434 22.47 -43.56 -12.39
N ILE A 435 22.61 -43.34 -13.69
CA ILE A 435 21.46 -43.26 -14.59
C ILE A 435 21.32 -44.56 -15.35
N ALA A 436 20.16 -45.21 -15.20
CA ALA A 436 19.82 -46.42 -15.94
C ALA A 436 18.45 -46.26 -16.58
N ASP A 437 17.91 -47.34 -17.16
CA ASP A 437 16.63 -47.32 -17.86
C ASP A 437 15.71 -48.38 -17.28
N ASN A 438 14.47 -47.98 -16.99
CA ASN A 438 13.42 -48.89 -16.52
C ASN A 438 13.89 -49.72 -15.32
N ILE A 439 14.44 -49.04 -14.32
CA ILE A 439 14.85 -49.71 -13.09
C ILE A 439 15.08 -48.64 -12.03
N ILE A 440 14.71 -48.96 -10.79
CA ILE A 440 14.92 -48.09 -9.65
C ILE A 440 15.39 -48.96 -8.49
N LYS A 441 16.45 -48.52 -7.80
CA LYS A 441 17.10 -49.32 -6.77
C LYS A 441 17.28 -48.48 -5.51
N PHE A 442 16.74 -48.96 -4.40
CA PHE A 442 16.93 -48.39 -3.07
C PHE A 442 17.69 -49.43 -2.27
N ASP A 443 19.01 -49.26 -2.18
CA ASP A 443 19.86 -50.11 -1.35
C ASP A 443 20.62 -49.22 -0.39
N HIS A 444 20.21 -49.23 0.88
CA HIS A 444 20.83 -48.40 1.92
C HIS A 444 20.73 -46.92 1.57
N VAL A 445 19.51 -46.42 1.49
CA VAL A 445 19.23 -45.04 1.12
C VAL A 445 18.36 -44.39 2.19
N PRO A 446 18.93 -43.86 3.28
CA PRO A 446 18.10 -43.21 4.31
C PRO A 446 17.71 -41.80 3.89
N LEU A 447 16.42 -41.57 3.71
CA LEU A 447 15.88 -40.28 3.30
C LEU A 447 15.41 -39.50 4.52
N ALA A 448 15.71 -38.20 4.54
CA ALA A 448 15.36 -37.36 5.67
C ALA A 448 15.16 -35.92 5.20
N THR A 449 14.39 -35.18 5.99
CA THR A 449 14.20 -33.75 5.73
C THR A 449 15.49 -33.00 6.02
N PRO A 450 15.86 -31.94 5.21
CA PRO A 450 17.07 -31.16 5.48
C PRO A 450 16.94 -30.15 6.62
N ASN A 451 16.46 -30.63 7.77
CA ASN A 451 16.33 -29.78 8.96
C ASN A 451 16.71 -30.53 10.24
N GLY A 452 17.49 -31.60 10.13
CA GLY A 452 17.88 -32.40 11.27
C GLY A 452 16.95 -33.55 11.58
N ASP A 453 15.66 -33.39 11.30
CA ASP A 453 14.71 -34.47 11.52
C ASP A 453 14.96 -35.61 10.55
N VAL A 454 14.75 -36.84 11.02
CA VAL A 454 14.94 -38.05 10.23
C VAL A 454 13.59 -38.76 10.15
N LEU A 455 13.18 -39.09 8.92
CA LEU A 455 11.89 -39.74 8.73
C LEU A 455 11.94 -41.22 9.12
N ILE A 456 12.82 -41.98 8.47
CA ILE A 456 12.97 -43.41 8.73
C ILE A 456 14.46 -43.76 8.78
N ARG A 457 14.72 -44.95 9.32
CA ARG A 457 16.07 -45.50 9.38
C ARG A 457 16.43 -46.09 8.01
N ASP A 458 17.48 -46.90 7.96
CA ASP A 458 17.92 -47.56 6.74
C ASP A 458 16.75 -48.22 6.01
N LEU A 459 16.68 -47.98 4.69
CA LEU A 459 15.62 -48.51 3.84
C LEU A 459 16.23 -49.27 2.68
N ASN A 460 15.55 -50.34 2.26
CA ASN A 460 16.03 -51.22 1.18
C ASN A 460 14.84 -51.91 0.52
N PHE A 461 14.64 -51.65 -0.77
CA PHE A 461 13.69 -52.40 -1.58
C PHE A 461 13.88 -52.02 -3.05
N GLU A 462 13.51 -52.93 -3.94
CA GLU A 462 13.71 -52.79 -5.37
C GLU A 462 12.39 -52.94 -6.11
N VAL A 463 12.22 -52.17 -7.19
CA VAL A 463 11.03 -52.21 -8.03
C VAL A 463 11.47 -52.38 -9.47
N ARG A 464 10.87 -53.35 -10.16
CA ARG A 464 11.20 -53.69 -11.54
C ARG A 464 10.18 -53.08 -12.50
N SER A 465 10.31 -53.43 -13.77
CA SER A 465 9.37 -52.98 -14.80
C SER A 465 8.23 -53.98 -14.92
N GLY A 466 7.01 -53.47 -15.09
CA GLY A 466 5.82 -54.29 -15.12
C GLY A 466 5.19 -54.53 -13.78
N ALA A 467 5.67 -53.89 -12.72
CA ALA A 467 5.13 -54.01 -11.37
C ALA A 467 4.56 -52.67 -10.93
N ASN A 468 3.92 -52.68 -9.75
CA ASN A 468 3.32 -51.48 -9.20
C ASN A 468 3.74 -51.32 -7.74
N VAL A 469 3.69 -50.08 -7.28
CA VAL A 469 4.02 -49.71 -5.90
C VAL A 469 2.80 -48.99 -5.35
N LEU A 470 1.89 -49.75 -4.74
CA LEU A 470 0.68 -49.16 -4.16
C LEU A 470 1.01 -48.60 -2.79
N ILE A 471 0.59 -47.36 -2.56
CA ILE A 471 0.85 -46.66 -1.31
C ILE A 471 -0.41 -46.74 -0.47
N CYS A 472 -0.27 -47.28 0.74
CA CYS A 472 -1.36 -47.39 1.70
C CYS A 472 -0.85 -46.96 3.07
N GLY A 473 -1.69 -46.25 3.82
CA GLY A 473 -1.33 -45.81 5.14
C GLY A 473 -2.03 -44.54 5.57
N PRO A 474 -1.48 -43.83 6.57
CA PRO A 474 -2.12 -42.59 7.04
C PRO A 474 -1.92 -41.45 6.04
N ASN A 475 -2.28 -40.23 6.45
CA ASN A 475 -2.17 -39.06 5.59
C ASN A 475 -0.73 -38.89 5.09
N GLY A 476 -0.57 -37.96 4.14
CA GLY A 476 0.67 -37.74 3.40
C GLY A 476 1.96 -37.88 4.19
N CYS A 477 2.01 -37.22 5.36
CA CYS A 477 3.14 -37.27 6.30
C CYS A 477 4.48 -37.19 5.56
N GLY A 478 5.37 -38.17 5.77
CA GLY A 478 6.66 -38.15 5.11
C GLY A 478 6.65 -38.65 3.67
N LYS A 479 5.51 -39.08 3.14
CA LYS A 479 5.45 -39.53 1.76
C LYS A 479 5.78 -38.40 0.81
N SER A 480 5.40 -37.17 1.15
CA SER A 480 5.75 -36.04 0.32
C SER A 480 7.26 -35.93 0.17
N SER A 481 8.00 -36.18 1.25
CA SER A 481 9.46 -36.15 1.16
C SER A 481 9.98 -37.19 0.19
N LEU A 482 9.38 -38.39 0.21
CA LEU A 482 9.79 -39.43 -0.74
C LEU A 482 9.52 -39.00 -2.17
N PHE A 483 8.37 -38.38 -2.41
CA PHE A 483 8.07 -37.87 -3.75
C PHE A 483 9.10 -36.83 -4.18
N ARG A 484 9.41 -35.86 -3.30
CA ARG A 484 10.32 -34.80 -3.72
C ARG A 484 11.70 -35.37 -4.02
N VAL A 485 12.20 -36.27 -3.16
CA VAL A 485 13.54 -36.81 -3.38
C VAL A 485 13.55 -37.72 -4.60
N LEU A 486 12.42 -38.33 -4.95
CA LEU A 486 12.39 -39.23 -6.10
C LEU A 486 12.78 -38.50 -7.38
N GLY A 487 12.22 -37.32 -7.61
CA GLY A 487 12.51 -36.54 -8.80
C GLY A 487 13.63 -35.55 -8.62
N GLU A 488 14.75 -35.99 -8.05
CA GLU A 488 15.88 -35.12 -7.71
C GLU A 488 15.37 -34.06 -6.73
N LEU A 489 15.40 -32.78 -7.05
CA LEU A 489 14.88 -31.72 -6.18
C LEU A 489 15.59 -31.75 -4.83
N TRP A 490 15.01 -32.42 -3.82
CA TRP A 490 15.59 -32.43 -2.49
C TRP A 490 16.90 -33.23 -2.51
N PRO A 491 17.73 -33.08 -1.48
CA PRO A 491 19.06 -33.70 -1.50
C PRO A 491 18.98 -35.19 -1.19
N LEU A 492 20.15 -35.83 -1.21
CA LEU A 492 20.30 -37.24 -0.92
C LEU A 492 21.16 -37.37 0.34
N PHE A 493 20.56 -37.88 1.42
CA PHE A 493 21.25 -38.06 2.69
C PHE A 493 21.77 -39.49 2.78
N GLY A 494 22.96 -39.72 2.23
CA GLY A 494 23.58 -41.02 2.31
C GLY A 494 22.93 -42.05 1.41
N GLY A 495 23.70 -43.02 0.93
CA GLY A 495 23.18 -44.08 0.11
C GLY A 495 23.43 -43.84 -1.37
N ARG A 496 23.24 -44.92 -2.14
CA ARG A 496 23.38 -44.89 -3.59
C ARG A 496 22.06 -45.29 -4.24
N LEU A 497 21.80 -44.73 -5.42
CA LEU A 497 20.49 -44.82 -6.04
C LEU A 497 20.63 -44.75 -7.55
N THR A 498 19.65 -45.33 -8.25
CA THR A 498 19.52 -45.25 -9.70
C THR A 498 18.24 -44.52 -10.06
N LYS A 499 18.24 -43.86 -11.22
CA LYS A 499 17.11 -43.06 -11.68
C LYS A 499 17.18 -42.92 -13.19
N PRO A 500 16.06 -42.60 -13.85
CA PRO A 500 16.13 -42.12 -15.24
C PRO A 500 16.58 -40.67 -15.32
N GLU A 501 16.55 -40.06 -16.52
CA GLU A 501 17.07 -38.71 -16.72
C GLU A 501 15.94 -37.69 -16.51
N ARG A 502 15.61 -37.47 -15.25
CA ARG A 502 14.74 -36.37 -14.85
C ARG A 502 13.34 -36.47 -15.44
N GLY A 503 13.21 -36.26 -16.76
CA GLY A 503 11.91 -36.17 -17.39
C GLY A 503 11.24 -37.48 -17.73
N LYS A 504 11.28 -38.44 -16.81
CA LYS A 504 10.52 -39.68 -16.92
C LYS A 504 9.90 -40.03 -15.57
N LEU A 505 9.47 -39.01 -14.82
CA LEU A 505 8.85 -39.18 -13.52
C LEU A 505 7.67 -38.23 -13.37
N PHE A 506 6.79 -38.23 -14.37
CA PHE A 506 5.62 -37.35 -14.34
C PHE A 506 4.87 -37.54 -13.04
N TYR A 507 4.50 -36.42 -12.40
CA TYR A 507 3.76 -36.43 -11.14
C TYR A 507 2.55 -35.53 -11.29
N VAL A 508 1.37 -36.15 -11.30
CA VAL A 508 0.11 -35.43 -11.53
C VAL A 508 -0.53 -35.19 -10.16
N PRO A 509 -0.67 -33.92 -9.71
CA PRO A 509 -1.38 -33.69 -8.45
C PRO A 509 -2.88 -33.87 -8.60
N GLN A 510 -3.62 -33.53 -7.54
CA GLN A 510 -5.08 -33.61 -7.61
C GLN A 510 -5.62 -32.68 -8.69
N ARG A 511 -5.09 -31.46 -8.77
CA ARG A 511 -5.49 -30.49 -9.79
C ARG A 511 -4.37 -30.35 -10.83
N PRO A 512 -4.52 -30.90 -12.04
CA PRO A 512 -3.43 -30.80 -13.02
C PRO A 512 -3.10 -29.36 -13.39
N TYR A 513 -1.83 -29.16 -13.74
CA TYR A 513 -1.34 -27.84 -14.13
C TYR A 513 -1.74 -27.52 -15.56
N MET A 514 -2.35 -26.35 -15.75
CA MET A 514 -2.81 -25.89 -17.06
C MET A 514 -2.20 -24.53 -17.36
N THR A 515 -1.63 -24.39 -18.56
CA THR A 515 -0.95 -23.17 -18.97
C THR A 515 -1.90 -22.29 -19.80
N LEU A 516 -1.40 -21.12 -20.18
CA LEU A 516 -2.18 -20.17 -20.99
C LEU A 516 -1.84 -20.42 -22.45
N GLY A 517 -2.76 -21.05 -23.18
CA GLY A 517 -2.52 -21.35 -24.57
C GLY A 517 -3.65 -22.19 -25.15
N THR A 518 -3.41 -22.67 -26.37
CA THR A 518 -4.39 -23.46 -27.09
C THR A 518 -4.36 -24.91 -26.62
N LEU A 519 -5.32 -25.70 -27.14
CA LEU A 519 -5.44 -27.09 -26.74
C LEU A 519 -4.20 -27.89 -27.13
N ARG A 520 -3.61 -27.56 -28.28
CA ARG A 520 -2.42 -28.27 -28.73
C ARG A 520 -1.29 -28.13 -27.71
N ASP A 521 -1.06 -26.90 -27.23
CA ASP A 521 -0.05 -26.70 -26.19
C ASP A 521 -0.43 -27.41 -24.90
N GLN A 522 -1.73 -27.39 -24.55
CA GLN A 522 -2.17 -28.04 -23.32
C GLN A 522 -1.86 -29.54 -23.33
N VAL A 523 -2.14 -30.20 -24.44
CA VAL A 523 -1.81 -31.63 -24.53
C VAL A 523 -0.31 -31.83 -24.66
N ILE A 524 0.41 -30.86 -25.23
CA ILE A 524 1.82 -31.02 -25.56
C ILE A 524 2.64 -30.02 -24.77
N TYR A 525 2.23 -29.71 -23.53
CA TYR A 525 2.86 -28.65 -22.75
C TYR A 525 4.37 -28.76 -22.62
N PRO A 526 4.95 -29.91 -22.26
CA PRO A 526 6.42 -29.99 -22.15
C PRO A 526 7.14 -29.72 -23.45
N ASP A 527 6.48 -29.84 -24.60
CA ASP A 527 7.05 -29.58 -25.92
C ASP A 527 6.28 -28.44 -26.59
N GLY A 528 6.61 -28.18 -27.85
CA GLY A 528 6.01 -27.12 -28.62
C GLY A 528 5.38 -27.60 -29.91
N ARG A 529 5.35 -26.73 -30.92
CA ARG A 529 4.73 -27.06 -32.20
C ARG A 529 5.69 -27.82 -33.10
N GLU A 530 6.85 -27.23 -33.38
CA GLU A 530 7.85 -27.90 -34.21
C GLU A 530 8.31 -29.21 -33.58
N ASP A 531 8.33 -29.27 -32.25
CA ASP A 531 8.64 -30.53 -31.58
C ASP A 531 7.61 -31.60 -31.90
N GLN A 532 6.32 -31.22 -31.89
CA GLN A 532 5.29 -32.16 -32.29
C GLN A 532 5.45 -32.57 -33.74
N LYS A 533 5.83 -31.63 -34.61
CA LYS A 533 6.06 -31.97 -36.01
C LYS A 533 7.17 -33.00 -36.15
N ARG A 534 8.26 -32.84 -35.39
CA ARG A 534 9.35 -33.80 -35.45
C ARG A 534 8.89 -35.20 -35.04
N LYS A 535 7.89 -35.28 -34.15
CA LYS A 535 7.40 -36.58 -33.69
C LYS A 535 6.52 -37.28 -34.71
N GLY A 536 6.14 -36.60 -35.79
CA GLY A 536 5.29 -37.23 -36.80
C GLY A 536 3.93 -37.63 -36.28
N ILE A 537 3.29 -36.75 -35.50
CA ILE A 537 1.96 -36.99 -34.93
C ILE A 537 1.01 -35.98 -35.55
N SER A 538 -0.07 -36.48 -36.15
CA SER A 538 -1.05 -35.64 -36.81
C SER A 538 -2.20 -35.30 -35.87
N ASP A 539 -3.06 -34.40 -36.33
CA ASP A 539 -4.20 -33.99 -35.52
C ASP A 539 -5.17 -35.15 -35.28
N LEU A 540 -5.30 -36.05 -36.25
CA LEU A 540 -6.21 -37.19 -36.08
C LEU A 540 -5.76 -38.08 -34.92
N VAL A 541 -4.46 -38.30 -34.78
CA VAL A 541 -3.95 -39.09 -33.66
C VAL A 541 -4.29 -38.39 -32.35
N LEU A 542 -4.21 -37.06 -32.34
CA LEU A 542 -4.58 -36.31 -31.14
C LEU A 542 -6.07 -36.47 -30.83
N LYS A 543 -6.92 -36.45 -31.86
CA LYS A 543 -8.33 -36.73 -31.65
C LYS A 543 -8.54 -38.10 -31.04
N GLU A 544 -7.84 -39.10 -31.55
CA GLU A 544 -7.96 -40.46 -31.01
C GLU A 544 -7.55 -40.50 -29.54
N TYR A 545 -6.46 -39.81 -29.20
CA TYR A 545 -6.03 -39.75 -27.80
C TYR A 545 -7.10 -39.09 -26.94
N LEU A 546 -7.65 -37.97 -27.41
CA LEU A 546 -8.71 -37.30 -26.64
C LEU A 546 -9.95 -38.16 -26.53
N ASP A 547 -10.33 -38.84 -27.62
CA ASP A 547 -11.52 -39.69 -27.59
C ASP A 547 -11.37 -40.83 -26.60
N ASN A 548 -10.13 -41.26 -26.32
CA ASN A 548 -9.94 -42.38 -25.40
C ASN A 548 -10.44 -42.04 -24.01
N VAL A 549 -10.19 -40.82 -23.55
CA VAL A 549 -10.66 -40.37 -22.22
C VAL A 549 -12.02 -39.71 -22.34
N GLN A 550 -12.68 -39.84 -23.50
CA GLN A 550 -14.01 -39.28 -23.73
C GLN A 550 -14.03 -37.76 -23.55
N LEU A 551 -13.06 -37.10 -24.17
CA LEU A 551 -12.99 -35.64 -24.23
C LEU A 551 -13.16 -35.15 -25.68
N GLY A 552 -13.87 -35.91 -26.50
CA GLY A 552 -14.05 -35.55 -27.89
C GLY A 552 -15.04 -34.44 -28.16
N HIS A 553 -15.79 -34.01 -27.15
CA HIS A 553 -16.76 -32.93 -27.29
C HIS A 553 -16.18 -31.56 -26.99
N ILE A 554 -14.88 -31.48 -26.70
CA ILE A 554 -14.25 -30.19 -26.40
C ILE A 554 -13.71 -29.50 -27.65
N LEU A 555 -13.46 -30.25 -28.74
CA LEU A 555 -12.92 -29.64 -29.94
C LEU A 555 -13.82 -28.55 -30.49
N GLU A 556 -15.13 -28.71 -30.35
CA GLU A 556 -16.09 -27.69 -30.77
C GLU A 556 -16.44 -26.71 -29.65
N ARG A 557 -15.94 -26.93 -28.43
CA ARG A 557 -16.30 -26.09 -27.30
C ARG A 557 -15.86 -24.64 -27.52
N GLU A 558 -14.66 -24.43 -28.07
CA GLU A 558 -14.18 -23.09 -28.41
C GLU A 558 -13.65 -23.01 -29.84
N GLY A 559 -14.04 -23.94 -30.71
CA GLY A 559 -13.73 -23.88 -32.12
C GLY A 559 -12.59 -24.79 -32.57
N GLY A 560 -11.75 -25.25 -31.66
CA GLY A 560 -10.68 -26.17 -32.01
C GLY A 560 -9.34 -25.87 -31.37
N TRP A 561 -8.27 -25.97 -32.15
CA TRP A 561 -6.90 -25.89 -31.65
C TRP A 561 -6.33 -24.48 -31.68
N ASP A 562 -7.13 -23.46 -31.99
CA ASP A 562 -6.68 -22.08 -32.06
C ASP A 562 -7.53 -21.19 -31.17
N SER A 563 -7.86 -21.69 -29.98
CA SER A 563 -8.67 -20.96 -29.01
C SER A 563 -7.83 -20.69 -27.76
N VAL A 564 -7.81 -19.43 -27.33
CA VAL A 564 -7.03 -19.00 -26.17
C VAL A 564 -8.01 -18.61 -25.08
N GLN A 565 -7.99 -19.37 -23.98
CA GLN A 565 -8.86 -19.10 -22.84
C GLN A 565 -8.15 -19.55 -21.56
N ASP A 566 -8.59 -18.99 -20.44
CA ASP A 566 -8.07 -19.35 -19.13
C ASP A 566 -8.72 -20.68 -18.73
N TRP A 567 -7.98 -21.77 -18.85
CA TRP A 567 -8.54 -23.10 -18.63
C TRP A 567 -8.90 -23.37 -17.18
N MET A 568 -8.48 -22.51 -16.24
CA MET A 568 -8.76 -22.77 -14.82
C MET A 568 -10.26 -22.76 -14.54
N ASP A 569 -11.00 -21.85 -15.17
CA ASP A 569 -12.44 -21.70 -14.95
C ASP A 569 -13.24 -22.00 -16.21
N VAL A 570 -12.72 -22.86 -17.08
CA VAL A 570 -13.42 -23.26 -18.31
C VAL A 570 -13.62 -24.77 -18.30
N LEU A 571 -12.75 -25.51 -17.62
CA LEU A 571 -12.84 -26.95 -17.50
C LEU A 571 -13.11 -27.35 -16.05
N SER A 572 -13.91 -28.38 -15.87
CA SER A 572 -14.20 -28.90 -14.55
C SER A 572 -13.06 -29.78 -14.05
N GLY A 573 -13.12 -30.13 -12.76
CA GLY A 573 -12.07 -30.95 -12.17
C GLY A 573 -11.88 -32.27 -12.88
N GLY A 574 -12.99 -32.97 -13.15
CA GLY A 574 -12.90 -34.24 -13.86
C GLY A 574 -12.33 -34.08 -15.25
N GLU A 575 -12.74 -33.02 -15.96
CA GLU A 575 -12.21 -32.76 -17.28
C GLU A 575 -10.70 -32.51 -17.23
N LYS A 576 -10.24 -31.73 -16.25
CA LYS A 576 -8.81 -31.47 -16.12
C LYS A 576 -8.05 -32.76 -15.81
N GLN A 577 -8.60 -33.60 -14.93
CA GLN A 577 -7.95 -34.86 -14.60
C GLN A 577 -7.84 -35.76 -15.82
N ARG A 578 -8.92 -35.86 -16.60
CA ARG A 578 -8.90 -36.65 -17.82
C ARG A 578 -7.92 -36.09 -18.84
N MET A 579 -7.81 -34.75 -18.89
CA MET A 579 -6.82 -34.11 -19.75
C MET A 579 -5.41 -34.50 -19.32
N ALA A 580 -5.17 -34.56 -18.01
CA ALA A 580 -3.86 -34.99 -17.52
C ALA A 580 -3.59 -36.44 -17.90
N MET A 581 -4.61 -37.30 -17.81
CA MET A 581 -4.43 -38.68 -18.24
C MET A 581 -4.06 -38.75 -19.72
N ALA A 582 -4.74 -37.96 -20.56
CA ALA A 582 -4.43 -37.94 -21.98
C ALA A 582 -3.01 -37.46 -22.23
N ARG A 583 -2.58 -36.43 -21.50
CA ARG A 583 -1.20 -35.95 -21.62
C ARG A 583 -0.20 -37.05 -21.26
N LEU A 584 -0.46 -37.76 -20.16
CA LEU A 584 0.41 -38.86 -19.76
C LEU A 584 0.45 -39.93 -20.83
N PHE A 585 -0.71 -40.29 -21.40
CA PHE A 585 -0.73 -41.29 -22.45
C PHE A 585 0.10 -40.85 -23.65
N TYR A 586 -0.03 -39.58 -24.05
CA TYR A 586 0.73 -39.12 -25.21
C TYR A 586 2.23 -39.17 -24.93
N HIS A 587 2.65 -38.70 -23.75
CA HIS A 587 4.09 -38.62 -23.48
C HIS A 587 4.70 -40.00 -23.30
N LYS A 588 3.95 -40.95 -22.76
CA LYS A 588 4.41 -42.33 -22.61
C LYS A 588 5.68 -42.39 -21.76
N PRO A 589 5.63 -41.96 -20.50
CA PRO A 589 6.83 -42.01 -19.65
C PRO A 589 7.06 -43.41 -19.09
N GLN A 590 8.26 -43.60 -18.55
CA GLN A 590 8.61 -44.89 -17.95
C GLN A 590 7.98 -45.05 -16.57
N PHE A 591 7.92 -43.97 -15.79
CA PHE A 591 7.36 -44.00 -14.45
C PHE A 591 6.45 -42.78 -14.26
N ALA A 592 5.39 -42.97 -13.47
CA ALA A 592 4.47 -41.89 -13.16
C ALA A 592 3.95 -42.07 -11.74
N ILE A 593 3.45 -40.98 -11.17
CA ILE A 593 2.97 -40.96 -9.80
C ILE A 593 1.56 -40.37 -9.80
N LEU A 594 0.62 -41.09 -9.18
CA LEU A 594 -0.76 -40.65 -9.04
C LEU A 594 -1.01 -40.32 -7.58
N ASP A 595 -1.39 -39.07 -7.30
CA ASP A 595 -1.64 -38.60 -5.94
C ASP A 595 -3.09 -38.12 -5.86
N GLU A 596 -4.00 -39.07 -5.60
CA GLU A 596 -5.41 -38.78 -5.31
C GLU A 596 -6.03 -37.87 -6.36
N CYS A 597 -5.64 -38.07 -7.63
CA CYS A 597 -6.19 -37.29 -8.73
C CYS A 597 -7.40 -37.95 -9.38
N THR A 598 -7.84 -39.09 -8.86
CA THR A 598 -9.00 -39.81 -9.39
C THR A 598 -10.23 -39.62 -8.51
N SER A 599 -10.38 -38.44 -7.91
CA SER A 599 -11.50 -38.19 -7.01
C SER A 599 -12.83 -38.27 -7.75
N ALA A 600 -12.90 -37.71 -8.95
CA ALA A 600 -14.12 -37.66 -9.76
C ALA A 600 -13.85 -38.32 -11.10
N VAL A 601 -14.01 -39.65 -11.14
CA VAL A 601 -13.86 -40.44 -12.36
C VAL A 601 -14.71 -41.70 -12.20
N SER A 602 -15.25 -42.16 -13.32
CA SER A 602 -16.06 -43.38 -13.30
C SER A 602 -15.17 -44.62 -13.22
N VAL A 603 -15.79 -45.76 -12.93
CA VAL A 603 -15.04 -47.01 -12.87
C VAL A 603 -14.56 -47.43 -14.26
N ASP A 604 -15.39 -47.21 -15.27
CA ASP A 604 -15.05 -47.65 -16.62
C ASP A 604 -13.81 -46.94 -17.14
N VAL A 605 -13.75 -45.62 -16.96
CA VAL A 605 -12.59 -44.87 -17.46
C VAL A 605 -11.33 -45.29 -16.71
N GLU A 606 -11.43 -45.49 -15.40
CA GLU A 606 -10.28 -45.93 -14.62
C GLU A 606 -9.78 -47.28 -15.13
N GLY A 607 -10.69 -48.23 -15.31
CA GLY A 607 -10.28 -49.54 -15.82
C GLY A 607 -9.65 -49.45 -17.19
N TYR A 608 -10.23 -48.63 -18.07
CA TYR A 608 -9.69 -48.50 -19.42
C TYR A 608 -8.29 -47.91 -19.40
N ILE A 609 -8.08 -46.84 -18.62
CA ILE A 609 -6.75 -46.22 -18.61
C ILE A 609 -5.73 -47.18 -18.00
N TYR A 610 -6.10 -47.90 -16.95
CA TYR A 610 -5.17 -48.85 -16.36
C TYR A 610 -4.82 -49.97 -17.34
N SER A 611 -5.82 -50.50 -18.05
CA SER A 611 -5.55 -51.56 -19.02
C SER A 611 -4.67 -51.06 -20.16
N HIS A 612 -4.94 -49.86 -20.67
CA HIS A 612 -4.13 -49.32 -21.75
C HIS A 612 -2.70 -49.06 -21.28
N CYS A 613 -2.54 -48.54 -20.06
CA CYS A 613 -1.22 -48.32 -19.51
C CYS A 613 -0.45 -49.63 -19.37
N ARG A 614 -1.14 -50.69 -18.92
CA ARG A 614 -0.49 -51.99 -18.81
C ARG A 614 -0.07 -52.51 -20.19
N LYS A 615 -0.94 -52.33 -21.18
CA LYS A 615 -0.62 -52.77 -22.53
C LYS A 615 0.61 -52.03 -23.07
N VAL A 616 0.67 -50.72 -22.85
CA VAL A 616 1.82 -49.95 -23.33
C VAL A 616 3.09 -50.40 -22.61
N GLY A 617 3.01 -50.59 -21.30
CA GLY A 617 4.15 -51.04 -20.52
C GLY A 617 4.79 -49.95 -19.68
N ILE A 618 3.97 -49.15 -18.99
CA ILE A 618 4.43 -48.05 -18.18
C ILE A 618 4.21 -48.40 -16.71
N THR A 619 5.28 -48.32 -15.92
CA THR A 619 5.18 -48.56 -14.49
C THR A 619 4.46 -47.41 -13.80
N LEU A 620 3.57 -47.75 -12.86
CA LEU A 620 2.69 -46.79 -12.23
C LEU A 620 2.79 -46.87 -10.71
N PHE A 621 2.62 -45.72 -10.07
CA PHE A 621 2.53 -45.60 -8.61
C PHE A 621 1.14 -45.09 -8.26
N THR A 622 0.50 -45.73 -7.27
CA THR A 622 -0.88 -45.43 -6.90
C THR A 622 -0.97 -45.07 -5.42
N VAL A 623 -1.46 -43.86 -5.14
CA VAL A 623 -1.73 -43.41 -3.77
C VAL A 623 -3.22 -43.50 -3.43
N SER A 624 -4.01 -44.17 -4.29
CA SER A 624 -5.47 -44.11 -4.19
C SER A 624 -5.97 -44.67 -2.87
N HIS A 625 -5.55 -45.89 -2.52
CA HIS A 625 -5.97 -46.66 -1.32
C HIS A 625 -7.34 -47.30 -1.50
N ARG A 626 -7.89 -47.32 -2.71
CA ARG A 626 -9.22 -47.88 -2.94
C ARG A 626 -9.15 -49.38 -3.22
N LYS A 627 -10.26 -50.07 -2.94
CA LYS A 627 -10.30 -51.53 -2.98
C LYS A 627 -10.02 -52.06 -4.39
N SER A 628 -10.64 -51.45 -5.41
CA SER A 628 -10.35 -51.88 -6.78
C SER A 628 -8.88 -51.67 -7.10
N LEU A 629 -8.31 -50.56 -6.65
CA LEU A 629 -6.90 -50.32 -6.84
C LEU A 629 -6.05 -51.26 -5.98
N TRP A 630 -6.55 -51.64 -4.80
CA TRP A 630 -5.90 -52.72 -4.05
C TRP A 630 -5.81 -53.98 -4.90
N LYS A 631 -6.88 -54.31 -5.63
CA LYS A 631 -6.85 -55.48 -6.50
C LYS A 631 -5.84 -55.30 -7.63
N HIS A 632 -5.84 -54.14 -8.28
CA HIS A 632 -5.11 -53.98 -9.54
C HIS A 632 -3.71 -53.41 -9.33
N HIS A 633 -2.93 -54.01 -8.43
CA HIS A 633 -1.53 -53.67 -8.24
C HIS A 633 -0.80 -54.88 -7.69
N GLU A 634 0.51 -54.94 -7.93
CA GLU A 634 1.30 -56.04 -7.39
C GLU A 634 1.71 -55.77 -5.94
N TYR A 635 2.61 -54.82 -5.73
CA TYR A 635 3.21 -54.66 -4.41
C TYR A 635 2.48 -53.57 -3.62
N TYR A 636 2.79 -53.47 -2.32
CA TYR A 636 2.22 -52.44 -1.49
C TYR A 636 3.23 -51.98 -0.43
N LEU A 637 3.23 -50.67 -0.17
CA LEU A 637 4.08 -50.06 0.85
C LEU A 637 3.19 -49.51 1.95
N HIS A 638 3.26 -50.11 3.14
CA HIS A 638 2.45 -49.73 4.28
C HIS A 638 3.35 -49.19 5.38
N MET A 639 3.05 -47.98 5.84
CA MET A 639 3.78 -47.34 6.92
C MET A 639 2.79 -46.77 7.93
N ASP A 640 3.19 -46.81 9.21
CA ASP A 640 2.34 -46.37 10.30
C ASP A 640 2.59 -44.93 10.72
N GLY A 641 3.46 -44.20 10.02
CA GLY A 641 3.83 -42.84 10.37
C GLY A 641 5.04 -42.77 11.28
N ARG A 642 5.12 -43.67 12.26
CA ARG A 642 6.29 -43.73 13.13
C ARG A 642 7.55 -44.13 12.38
N GLY A 643 7.42 -44.71 11.19
CA GLY A 643 8.55 -45.06 10.36
C GLY A 643 8.74 -46.55 10.21
N ASN A 644 8.27 -47.11 9.10
CA ASN A 644 8.45 -48.51 8.77
C ASN A 644 7.89 -48.74 7.37
N TYR A 645 8.53 -49.63 6.62
CA TYR A 645 8.14 -49.95 5.27
C TYR A 645 8.04 -51.46 5.10
N GLU A 646 6.97 -51.91 4.44
CA GLU A 646 6.72 -53.31 4.18
C GLU A 646 6.62 -53.51 2.68
N PHE A 647 7.32 -54.52 2.17
CA PHE A 647 7.45 -54.73 0.73
C PHE A 647 7.37 -56.23 0.46
N LYS A 648 6.27 -56.67 -0.15
CA LYS A 648 6.10 -58.07 -0.50
C LYS A 648 5.04 -58.18 -1.59
N GLN A 649 4.90 -59.38 -2.15
CA GLN A 649 4.13 -59.57 -3.37
C GLN A 649 2.66 -59.21 -3.18
N ILE A 650 1.88 -60.08 -2.55
CA ILE A 650 0.44 -59.87 -2.33
C ILE A 650 0.02 -60.77 -1.18
N THR A 651 -0.78 -60.21 -0.27
CA THR A 651 -1.42 -60.99 0.77
C THR A 651 -2.80 -61.43 0.29
N GLU A 652 -3.20 -62.63 0.71
CA GLU A 652 -4.46 -63.19 0.23
C GLU A 652 -5.65 -62.33 0.65
N ASP A 653 -5.74 -61.96 1.92
CA ASP A 653 -6.85 -61.16 2.43
C ASP A 653 -6.54 -59.67 2.41
N THR A 654 -5.48 -59.25 3.11
CA THR A 654 -5.09 -57.86 3.20
C THR A 654 -3.76 -57.82 3.95
N VAL A 655 -3.26 -56.60 4.17
CA VAL A 655 -2.01 -56.45 4.93
C VAL A 655 -2.22 -57.06 6.31
N GLU A 656 -1.25 -57.87 6.75
CA GLU A 656 -1.38 -58.62 7.99
C GLU A 656 -0.98 -57.75 9.19
N PHE A 657 -1.57 -56.56 9.29
CA PHE A 657 -1.37 -55.69 10.44
C PHE A 657 -2.63 -54.94 10.85
N GLY A 658 -3.79 -55.25 10.24
CA GLY A 658 -5.03 -54.57 10.54
C GLY A 658 -5.67 -53.99 9.30
N SER A 659 -5.88 -52.67 9.30
CA SER A 659 -6.48 -51.98 8.16
C SER A 659 -5.57 -52.07 6.94
N ALA B 57 -17.32 10.81 -9.18
CA ALA B 57 -17.02 12.11 -8.57
C ALA B 57 -17.56 13.17 -9.52
N VAL B 58 -18.71 13.75 -9.16
CA VAL B 58 -19.40 14.73 -9.99
C VAL B 58 -19.71 15.95 -9.14
N VAL B 59 -19.52 17.14 -9.72
CA VAL B 59 -19.79 18.40 -9.04
C VAL B 59 -21.13 18.92 -9.57
N ASP B 60 -22.17 18.85 -8.74
CA ASP B 60 -23.51 19.26 -9.09
C ASP B 60 -24.07 20.06 -7.91
N LYS B 61 -25.38 20.31 -7.96
CA LYS B 61 -26.03 20.96 -6.82
C LYS B 61 -26.07 20.04 -5.60
N VAL B 62 -26.18 18.72 -5.82
CA VAL B 62 -26.22 17.79 -4.70
C VAL B 62 -24.90 17.84 -3.93
N PHE B 63 -23.78 17.97 -4.64
CA PHE B 63 -22.49 18.05 -3.96
C PHE B 63 -22.42 19.27 -3.05
N PHE B 64 -22.86 20.42 -3.55
CA PHE B 64 -22.85 21.63 -2.73
C PHE B 64 -23.79 21.50 -1.55
N SER B 65 -24.96 20.89 -1.76
CA SER B 65 -25.90 20.70 -0.66
C SER B 65 -25.30 19.80 0.43
N ARG B 66 -24.66 18.70 0.03
CA ARG B 66 -24.02 17.83 0.99
C ARG B 66 -22.90 18.56 1.74
N LEU B 67 -22.09 19.33 1.01
CA LEU B 67 -20.97 20.01 1.66
C LEU B 67 -21.46 21.05 2.66
N ILE B 68 -22.50 21.81 2.31
CA ILE B 68 -23.00 22.83 3.24
C ILE B 68 -23.66 22.15 4.44
N GLN B 69 -24.35 21.03 4.22
CA GLN B 69 -24.95 20.32 5.34
C GLN B 69 -23.88 19.81 6.30
N ILE B 70 -22.77 19.29 5.77
CA ILE B 70 -21.67 18.87 6.64
C ILE B 70 -21.07 20.07 7.35
N LEU B 71 -20.88 21.19 6.63
CA LEU B 71 -20.24 22.37 7.21
C LEU B 71 -21.07 23.02 8.29
N LYS B 72 -22.39 22.84 8.29
CA LYS B 72 -23.20 23.40 9.37
C LYS B 72 -22.83 22.84 10.74
N ILE B 73 -22.14 21.69 10.79
CA ILE B 73 -21.77 21.07 12.05
C ILE B 73 -20.44 21.60 12.57
N MET B 74 -19.50 21.88 11.67
CA MET B 74 -18.17 22.32 12.06
C MET B 74 -18.10 23.81 12.38
N VAL B 75 -19.13 24.58 12.05
CA VAL B 75 -19.22 26.00 12.40
C VAL B 75 -20.59 26.23 13.02
N PRO B 76 -20.87 25.71 14.22
CA PRO B 76 -22.24 25.72 14.74
C PRO B 76 -22.81 27.11 14.97
N ARG B 77 -22.13 27.92 15.77
CA ARG B 77 -22.64 29.20 16.22
C ARG B 77 -21.96 30.33 15.44
N THR B 78 -22.20 31.57 15.86
CA THR B 78 -21.59 32.75 15.24
C THR B 78 -20.39 33.26 16.02
N PHE B 79 -20.26 32.93 17.30
CA PHE B 79 -19.18 33.40 18.15
C PHE B 79 -18.24 32.28 18.59
N CYS B 80 -18.27 31.13 17.92
CA CYS B 80 -17.33 30.07 18.25
C CYS B 80 -15.92 30.46 17.81
N LYS B 81 -14.92 29.80 18.41
CA LYS B 81 -13.54 30.14 18.11
C LYS B 81 -13.14 29.81 16.68
N GLU B 82 -13.86 28.91 16.00
CA GLU B 82 -13.55 28.60 14.61
C GLU B 82 -13.90 29.73 13.66
N THR B 83 -14.61 30.77 14.11
CA THR B 83 -14.81 31.98 13.34
C THR B 83 -13.78 33.05 13.65
N GLY B 84 -13.00 32.90 14.72
CA GLY B 84 -11.88 33.80 14.93
C GLY B 84 -10.79 33.62 13.89
N TYR B 85 -10.46 32.38 13.58
CA TYR B 85 -9.46 32.14 12.54
C TYR B 85 -9.98 32.52 11.16
N LEU B 86 -11.29 32.43 10.94
CA LEU B 86 -11.83 32.77 9.63
C LEU B 86 -11.70 34.25 9.31
N VAL B 87 -11.46 35.11 10.31
CA VAL B 87 -11.23 36.53 10.06
C VAL B 87 -9.75 36.83 10.21
N LEU B 88 -9.07 36.10 11.11
CA LEU B 88 -7.62 36.25 11.24
C LEU B 88 -6.92 35.87 9.93
N ILE B 89 -7.51 34.99 9.13
CA ILE B 89 -6.95 34.63 7.84
C ILE B 89 -7.38 35.60 6.75
N ALA B 90 -8.60 36.12 6.82
CA ALA B 90 -9.04 37.10 5.83
C ALA B 90 -8.22 38.38 5.93
N VAL B 91 -7.88 38.79 7.15
CA VAL B 91 -7.10 40.01 7.32
C VAL B 91 -5.68 39.86 6.79
N MET B 92 -5.17 38.63 6.66
CA MET B 92 -3.81 38.39 6.17
C MET B 92 -3.76 38.10 4.68
N LEU B 93 -4.81 37.49 4.12
CA LEU B 93 -4.84 37.27 2.68
C LEU B 93 -4.86 38.58 1.90
N VAL B 94 -5.25 39.68 2.53
CA VAL B 94 -5.26 41.00 1.87
C VAL B 94 -4.06 41.85 2.28
N SER B 95 -3.24 41.41 3.23
CA SER B 95 -1.99 42.08 3.56
C SER B 95 -0.80 41.49 2.81
N ARG B 96 -0.85 40.18 2.54
CA ARG B 96 0.22 39.55 1.77
C ARG B 96 0.36 40.19 0.40
N THR B 97 -0.76 40.50 -0.25
CA THR B 97 -0.72 41.10 -1.58
C THR B 97 -0.10 42.48 -1.54
N TYR B 98 -0.46 43.29 -0.54
CA TYR B 98 0.14 44.62 -0.43
C TYR B 98 1.63 44.52 -0.20
N CYS B 99 2.06 43.56 0.61
CA CYS B 99 3.51 43.36 0.80
C CYS B 99 4.18 43.01 -0.52
N ASP B 100 3.55 42.16 -1.33
CA ASP B 100 4.15 41.78 -2.61
C ASP B 100 4.31 42.98 -3.53
N VAL B 101 3.27 43.79 -3.67
CA VAL B 101 3.37 44.94 -4.59
C VAL B 101 4.38 45.94 -4.06
N TRP B 102 4.45 46.13 -2.74
CA TRP B 102 5.46 47.03 -2.19
C TRP B 102 6.86 46.52 -2.52
N MET B 103 7.10 45.22 -2.42
CA MET B 103 8.42 44.70 -2.72
C MET B 103 8.79 44.91 -4.18
N ILE B 104 7.87 44.64 -5.10
CA ILE B 104 8.22 44.86 -6.51
C ILE B 104 8.35 46.33 -6.85
N GLN B 105 7.70 47.23 -6.10
CA GLN B 105 7.89 48.65 -6.32
C GLN B 105 9.21 49.17 -5.77
N ASN B 106 9.70 48.57 -4.68
CA ASN B 106 10.95 49.02 -4.06
C ASN B 106 12.19 48.42 -4.69
N GLY B 107 12.09 47.20 -5.24
CA GLY B 107 13.24 46.59 -5.87
C GLY B 107 13.78 47.42 -7.02
N THR B 108 12.89 47.95 -7.86
CA THR B 108 13.34 48.72 -9.01
C THR B 108 14.00 50.02 -8.58
N LEU B 109 13.52 50.62 -7.49
CA LEU B 109 14.18 51.81 -6.97
C LEU B 109 15.59 51.49 -6.48
N ILE B 110 15.76 50.36 -5.78
CA ILE B 110 17.10 49.97 -5.35
C ILE B 110 18.00 49.78 -6.56
N GLU B 111 17.49 49.10 -7.59
CA GLU B 111 18.31 48.80 -8.78
C GLU B 111 18.71 50.07 -9.52
N SER B 112 17.76 50.99 -9.73
CA SER B 112 18.08 52.26 -10.35
C SER B 112 18.97 53.12 -9.47
N GLY B 113 19.07 52.80 -8.18
CA GLY B 113 20.03 53.52 -7.34
C GLY B 113 21.48 53.28 -7.77
N ILE B 114 21.79 52.07 -8.21
CA ILE B 114 23.16 51.70 -8.57
C ILE B 114 23.39 51.81 -10.07
N ILE B 115 22.37 51.52 -10.88
CA ILE B 115 22.55 51.65 -12.33
C ILE B 115 22.89 53.09 -12.70
N GLY B 116 22.45 54.06 -11.91
CA GLY B 116 22.77 55.46 -12.11
C GLY B 116 24.01 55.93 -11.41
N ARG B 117 24.71 55.06 -10.70
CA ARG B 117 25.95 55.41 -10.01
C ARG B 117 25.73 56.56 -9.02
N SER B 118 24.89 56.29 -8.03
CA SER B 118 24.60 57.24 -6.96
C SER B 118 24.44 56.48 -5.66
N ARG B 119 25.29 56.78 -4.68
CA ARG B 119 25.31 56.00 -3.45
C ARG B 119 24.18 56.36 -2.50
N LYS B 120 23.74 57.63 -2.50
CA LYS B 120 22.71 58.05 -1.55
C LYS B 120 21.41 57.29 -1.76
N ASP B 121 20.94 57.22 -3.00
CA ASP B 121 19.68 56.53 -3.27
C ASP B 121 19.79 55.04 -2.96
N PHE B 122 20.93 54.44 -3.30
CA PHE B 122 21.14 53.03 -2.97
C PHE B 122 21.03 52.80 -1.47
N LYS B 123 21.73 53.61 -0.68
CA LYS B 123 21.68 53.45 0.78
C LYS B 123 20.27 53.64 1.30
N ARG B 124 19.59 54.69 0.83
CA ARG B 124 18.26 55.00 1.36
C ARG B 124 17.26 53.89 1.06
N TYR B 125 17.18 53.47 -0.19
CA TYR B 125 16.22 52.45 -0.57
C TYR B 125 16.67 51.04 -0.19
N LEU B 126 17.90 50.87 0.29
CA LEU B 126 18.30 49.60 0.89
C LEU B 126 17.94 49.55 2.37
N LEU B 127 18.09 50.66 3.09
CA LEU B 127 17.65 50.70 4.49
C LEU B 127 16.14 50.58 4.58
N ASN B 128 15.41 51.18 3.63
CA ASN B 128 13.95 51.05 3.64
C ASN B 128 13.49 49.59 3.59
N PHE B 129 14.33 48.70 3.05
CA PHE B 129 14.03 47.28 2.96
C PHE B 129 14.58 46.51 4.15
N ILE B 130 15.79 46.86 4.59
CA ILE B 130 16.38 46.19 5.74
C ILE B 130 15.52 46.39 6.98
N ALA B 131 15.02 47.61 7.18
CA ALA B 131 14.24 47.92 8.37
C ALA B 131 12.79 47.50 8.26
N ALA B 132 12.36 46.91 7.15
CA ALA B 132 10.98 46.49 6.96
C ALA B 132 10.83 45.04 6.52
N MET B 133 11.91 44.28 6.41
CA MET B 133 11.78 42.85 6.15
C MET B 133 11.25 42.04 7.35
N PRO B 134 11.48 42.41 8.62
CA PRO B 134 10.89 41.60 9.70
C PRO B 134 9.37 41.57 9.67
N LEU B 135 8.72 42.66 9.28
CA LEU B 135 7.27 42.70 9.24
C LEU B 135 6.69 41.88 8.09
N ILE B 136 7.47 41.61 7.05
CA ILE B 136 6.96 40.84 5.92
C ILE B 136 6.93 39.35 6.27
N SER B 137 7.77 38.90 7.19
CA SER B 137 7.77 37.50 7.59
C SER B 137 6.60 37.16 8.49
N LEU B 138 6.17 38.08 9.34
CA LEU B 138 5.08 37.79 10.27
C LEU B 138 3.80 37.47 9.51
N VAL B 139 3.48 38.23 8.46
CA VAL B 139 2.25 37.98 7.72
C VAL B 139 2.25 36.59 7.11
N ASN B 140 3.35 36.24 6.42
CA ASN B 140 3.41 34.95 5.75
C ASN B 140 3.40 33.80 6.75
N ASN B 141 4.08 33.95 7.88
CA ASN B 141 4.13 32.89 8.87
C ASN B 141 2.96 32.89 9.83
N PHE B 142 2.06 33.87 9.77
CA PHE B 142 0.85 33.87 10.57
C PHE B 142 -0.34 33.36 9.80
N LEU B 143 -0.37 33.59 8.49
CA LEU B 143 -1.40 32.98 7.66
C LEU B 143 -1.37 31.46 7.78
N LYS B 144 -0.17 30.87 7.70
CA LYS B 144 -0.04 29.42 7.77
C LYS B 144 -0.46 28.88 9.13
N TYR B 145 -0.09 29.57 10.21
CA TYR B 145 -0.50 29.15 11.54
C TYR B 145 -2.01 29.15 11.66
N GLY B 146 -2.66 30.21 11.16
CA GLY B 146 -4.11 30.24 11.14
C GLY B 146 -4.71 29.05 10.40
N LEU B 147 -4.16 28.74 9.23
CA LEU B 147 -4.70 27.65 8.43
C LEU B 147 -4.58 26.31 9.17
N ASN B 148 -3.41 26.05 9.76
CA ASN B 148 -3.21 24.78 10.46
C ASN B 148 -4.16 24.64 11.64
N GLU B 149 -4.30 25.71 12.43
CA GLU B 149 -5.21 25.65 13.57
C GLU B 149 -6.65 25.42 13.11
N LEU B 150 -7.06 26.07 12.01
CA LEU B 150 -8.41 25.88 11.52
C LEU B 150 -8.66 24.44 11.11
N LYS B 151 -7.71 23.83 10.39
CA LYS B 151 -7.87 22.43 10.00
C LYS B 151 -8.02 21.54 11.23
N LEU B 152 -7.18 21.74 12.23
CA LEU B 152 -7.25 20.90 13.43
C LEU B 152 -8.59 21.05 14.14
N CYS B 153 -9.09 22.29 14.26
CA CYS B 153 -10.38 22.50 14.92
C CYS B 153 -11.50 21.80 14.17
N PHE B 154 -11.49 21.88 12.83
CA PHE B 154 -12.50 21.17 12.04
C PHE B 154 -12.44 19.67 12.34
N ARG B 155 -11.23 19.10 12.37
CA ARG B 155 -11.09 17.67 12.63
C ARG B 155 -11.69 17.29 13.99
N VAL B 156 -11.36 18.07 15.03
CA VAL B 156 -11.86 17.75 16.36
C VAL B 156 -13.38 17.81 16.41
N ARG B 157 -13.97 18.86 15.83
CA ARG B 157 -15.42 18.98 15.85
C ARG B 157 -16.09 17.80 15.16
N LEU B 158 -15.64 17.47 13.94
CA LEU B 158 -16.28 16.39 13.21
C LEU B 158 -16.12 15.05 13.92
N THR B 159 -14.92 14.77 14.45
CA THR B 159 -14.70 13.49 15.12
C THR B 159 -15.57 13.36 16.37
N LYS B 160 -15.68 14.43 17.16
CA LYS B 160 -16.55 14.38 18.32
C LYS B 160 -17.99 14.10 17.91
N TYR B 161 -18.47 14.76 16.86
CA TYR B 161 -19.84 14.53 16.43
C TYR B 161 -20.07 13.09 16.01
N LEU B 162 -19.13 12.53 15.25
CA LEU B 162 -19.31 11.15 14.77
C LEU B 162 -19.28 10.16 15.93
N TYR B 163 -18.33 10.31 16.85
CA TYR B 163 -18.22 9.35 17.94
C TYR B 163 -19.32 9.52 18.98
N GLU B 164 -20.02 10.66 19.00
CA GLU B 164 -21.15 10.78 19.90
C GLU B 164 -22.32 9.89 19.50
N GLU B 165 -22.36 9.42 18.24
CA GLU B 165 -23.42 8.55 17.76
C GLU B 165 -22.95 7.16 17.38
N TYR B 166 -21.67 6.97 17.08
CA TYR B 166 -21.17 5.65 16.73
C TYR B 166 -21.16 4.68 17.92
N LEU B 167 -21.35 5.17 19.15
CA LEU B 167 -21.27 4.36 20.35
C LEU B 167 -22.56 4.46 21.16
N GLN B 168 -23.70 4.28 20.48
CA GLN B 168 -25.01 4.43 21.08
C GLN B 168 -25.83 3.16 20.81
N ALA B 169 -26.10 2.39 21.87
CA ALA B 169 -27.07 1.30 21.85
C ALA B 169 -26.75 0.28 20.75
N PHE B 170 -25.62 -0.39 20.92
CA PHE B 170 -25.22 -1.54 20.11
C PHE B 170 -24.96 -1.19 18.64
N THR B 171 -24.88 0.10 18.28
CA THR B 171 -24.69 0.46 16.89
C THR B 171 -23.34 -0.03 16.36
N TYR B 172 -22.29 0.07 17.18
CA TYR B 172 -20.96 -0.36 16.77
C TYR B 172 -20.92 -1.85 16.40
N TYR B 173 -21.86 -2.64 16.89
CA TYR B 173 -21.93 -4.06 16.57
C TYR B 173 -22.80 -4.32 15.35
N LYS B 174 -23.98 -3.68 15.29
CA LYS B 174 -24.87 -3.88 14.15
C LYS B 174 -24.21 -3.43 12.86
N MET B 175 -23.53 -2.27 12.89
CA MET B 175 -22.87 -1.79 11.68
C MET B 175 -21.81 -2.77 11.20
N GLY B 176 -21.04 -3.33 12.13
CA GLY B 176 -19.98 -4.25 11.71
C GLY B 176 -20.52 -5.57 11.19
N ASN B 177 -21.46 -6.17 11.92
CA ASN B 177 -21.91 -7.52 11.63
C ASN B 177 -23.27 -7.57 10.94
N LEU B 178 -24.27 -6.86 11.49
CA LEU B 178 -25.63 -6.97 11.00
C LEU B 178 -25.88 -6.18 9.72
N ASP B 179 -24.95 -5.31 9.31
CA ASP B 179 -25.07 -4.54 8.07
C ASP B 179 -23.80 -4.70 7.25
N ASN B 180 -23.94 -4.58 5.93
CA ASN B 180 -22.83 -4.69 4.99
C ASN B 180 -22.66 -3.45 4.12
N ARG B 181 -23.36 -2.35 4.43
CA ARG B 181 -23.23 -1.15 3.61
C ARG B 181 -21.83 -0.57 3.70
N ILE B 182 -21.22 -0.59 4.89
CA ILE B 182 -19.87 -0.10 5.11
C ILE B 182 -19.00 -1.26 5.55
N ALA B 183 -17.79 -1.32 5.03
CA ALA B 183 -16.81 -2.36 5.35
C ALA B 183 -15.60 -1.72 6.03
N ASN B 184 -15.20 -2.27 7.16
CA ASN B 184 -14.03 -1.81 7.91
C ASN B 184 -14.20 -0.35 8.33
N PRO B 185 -15.14 -0.03 9.22
CA PRO B 185 -15.32 1.38 9.63
C PRO B 185 -14.14 1.97 10.40
N ASP B 186 -13.25 1.16 10.97
CA ASP B 186 -12.16 1.72 11.77
C ASP B 186 -11.24 2.61 10.94
N GLN B 187 -11.17 2.38 9.63
CA GLN B 187 -10.39 3.26 8.76
C GLN B 187 -11.21 4.45 8.31
N LEU B 188 -12.50 4.26 8.06
CA LEU B 188 -13.35 5.38 7.64
C LEU B 188 -13.48 6.42 8.74
N LEU B 189 -13.44 6.01 10.01
CA LEU B 189 -13.58 6.92 11.12
C LEU B 189 -12.28 7.56 11.56
N THR B 190 -11.14 7.17 10.97
CA THR B 190 -9.83 7.70 11.35
C THR B 190 -9.13 8.43 10.22
N GLN B 191 -9.01 7.79 9.06
CA GLN B 191 -8.21 8.36 7.97
C GLN B 191 -9.00 9.27 7.05
N ASP B 192 -10.30 9.05 6.91
CA ASP B 192 -11.09 9.87 5.99
C ASP B 192 -11.41 11.23 6.60
N VAL B 193 -11.61 11.31 7.91
CA VAL B 193 -11.93 12.59 8.53
C VAL B 193 -10.75 13.55 8.40
N GLU B 194 -9.53 13.06 8.64
CA GLU B 194 -8.35 13.91 8.52
C GLU B 194 -8.20 14.45 7.10
N LYS B 195 -8.33 13.56 6.12
CA LYS B 195 -8.16 13.96 4.72
C LYS B 195 -9.24 14.95 4.30
N PHE B 196 -10.49 14.72 4.71
CA PHE B 196 -11.56 15.64 4.35
C PHE B 196 -11.31 17.01 4.95
N CYS B 197 -10.92 17.07 6.22
CA CYS B 197 -10.68 18.35 6.86
C CYS B 197 -9.50 19.08 6.23
N ASN B 198 -8.43 18.36 5.87
CA ASN B 198 -7.32 19.01 5.21
C ASN B 198 -7.73 19.56 3.84
N SER B 199 -8.50 18.80 3.07
CA SER B 199 -8.83 19.20 1.71
C SER B 199 -9.79 20.38 1.69
N VAL B 200 -10.78 20.39 2.58
CA VAL B 200 -11.78 21.46 2.56
C VAL B 200 -11.16 22.82 2.89
N VAL B 201 -9.96 22.86 3.48
CA VAL B 201 -9.29 24.11 3.82
C VAL B 201 -8.22 24.41 2.79
N ASP B 202 -7.59 23.36 2.23
CA ASP B 202 -6.66 23.59 1.13
C ASP B 202 -7.36 24.24 -0.06
N LEU B 203 -8.58 23.79 -0.36
CA LEU B 203 -9.34 24.42 -1.44
C LEU B 203 -9.58 25.90 -1.18
N TYR B 204 -9.98 26.22 0.05
CA TYR B 204 -10.28 27.61 0.40
C TYR B 204 -9.03 28.48 0.34
N SER B 205 -7.89 27.97 0.81
CA SER B 205 -6.68 28.77 0.81
C SER B 205 -5.97 28.78 -0.54
N ASN B 206 -6.37 27.92 -1.48
CA ASN B 206 -5.78 27.92 -2.81
C ASN B 206 -6.62 28.65 -3.86
N LEU B 207 -7.94 28.74 -3.68
CA LEU B 207 -8.78 29.49 -4.62
C LEU B 207 -8.89 30.96 -4.26
N SER B 208 -8.26 31.42 -3.18
CA SER B 208 -8.46 32.78 -2.68
C SER B 208 -7.26 33.69 -2.87
N LYS B 209 -6.05 33.16 -2.99
CA LYS B 209 -4.89 34.00 -3.21
C LYS B 209 -4.81 34.45 -4.68
N PRO B 210 -4.90 33.54 -5.65
CA PRO B 210 -4.83 34.00 -7.06
C PRO B 210 -5.94 34.97 -7.43
N PHE B 211 -7.12 34.83 -6.84
CA PHE B 211 -8.22 35.74 -7.15
C PHE B 211 -7.85 37.17 -6.78
N LEU B 212 -7.35 37.37 -5.56
CA LEU B 212 -6.91 38.70 -5.15
C LEU B 212 -5.74 39.19 -5.99
N ASP B 213 -4.80 38.30 -6.31
CA ASP B 213 -3.66 38.69 -7.14
C ASP B 213 -4.11 39.24 -8.49
N ILE B 214 -4.99 38.52 -9.17
CA ILE B 214 -5.43 39.00 -10.49
C ILE B 214 -6.28 40.26 -10.35
N VAL B 215 -7.13 40.32 -9.33
CA VAL B 215 -7.98 41.51 -9.16
C VAL B 215 -7.15 42.75 -8.89
N LEU B 216 -5.98 42.60 -8.29
CA LEU B 216 -5.11 43.75 -8.05
C LEU B 216 -4.24 44.09 -9.27
N TYR B 217 -3.68 43.07 -9.92
CA TYR B 217 -2.79 43.31 -11.05
C TYR B 217 -3.53 43.65 -12.35
N ILE B 218 -4.84 43.47 -12.42
CA ILE B 218 -5.61 43.90 -13.58
C ILE B 218 -6.12 45.32 -13.43
N PHE B 219 -6.08 45.88 -12.21
CA PHE B 219 -6.43 47.27 -11.98
C PHE B 219 -5.22 48.16 -11.69
N LYS B 220 -4.05 47.58 -11.47
CA LYS B 220 -2.81 48.35 -11.50
C LYS B 220 -2.10 48.30 -12.84
N LEU B 221 -2.68 47.63 -13.84
CA LEU B 221 -2.11 47.61 -15.19
C LEU B 221 -2.99 48.31 -16.21
N THR B 222 -4.22 48.65 -15.85
CA THR B 222 -5.14 49.37 -16.72
C THR B 222 -4.90 50.87 -16.68
N SER B 223 -3.96 51.30 -15.84
CA SER B 223 -3.50 52.67 -15.80
C SER B 223 -2.10 52.81 -16.37
N ALA B 224 -1.29 51.76 -16.29
CA ALA B 224 0.05 51.80 -16.86
C ALA B 224 0.02 51.46 -18.34
N ILE B 225 -0.40 50.25 -18.71
CA ILE B 225 -0.40 49.86 -20.11
C ILE B 225 -1.62 50.41 -20.82
N GLY B 226 -2.79 49.95 -20.40
CA GLY B 226 -4.04 50.34 -21.03
C GLY B 226 -5.08 49.27 -20.81
N ALA B 227 -6.27 49.52 -21.35
CA ALA B 227 -7.37 48.58 -21.18
C ALA B 227 -7.08 47.26 -21.86
N GLN B 228 -6.43 47.29 -23.02
CA GLN B 228 -6.16 46.09 -23.79
C GLN B 228 -4.95 45.31 -23.31
N GLY B 229 -4.12 45.90 -22.45
CA GLY B 229 -2.88 45.29 -22.02
C GLY B 229 -3.07 43.90 -21.44
N PRO B 230 -3.69 43.80 -20.26
CA PRO B 230 -3.93 42.47 -19.69
C PRO B 230 -4.86 41.60 -20.53
N ALA B 231 -5.88 42.18 -21.17
CA ALA B 231 -6.86 41.39 -21.89
C ALA B 231 -6.24 40.63 -23.05
N SER B 232 -5.37 41.29 -23.82
CA SER B 232 -4.75 40.64 -24.97
C SER B 232 -3.79 39.54 -24.57
N MET B 233 -3.40 39.47 -23.29
CA MET B 233 -2.60 38.36 -22.78
C MET B 233 -3.49 37.24 -22.23
N MET B 234 -4.57 37.59 -21.52
CA MET B 234 -5.47 36.57 -21.02
C MET B 234 -6.08 35.78 -22.16
N ALA B 235 -6.48 36.46 -23.24
CA ALA B 235 -7.07 35.75 -24.37
C ALA B 235 -6.09 34.75 -24.97
N TYR B 236 -4.84 35.17 -25.16
CA TYR B 236 -3.84 34.26 -25.72
C TYR B 236 -3.63 33.06 -24.80
N LEU B 237 -3.52 33.30 -23.49
CA LEU B 237 -3.30 32.19 -22.56
C LEU B 237 -4.46 31.19 -22.64
N VAL B 238 -5.70 31.68 -22.67
CA VAL B 238 -6.84 30.77 -22.72
C VAL B 238 -6.82 29.95 -24.01
N VAL B 239 -6.58 30.62 -25.15
CA VAL B 239 -6.63 29.90 -26.42
C VAL B 239 -5.51 28.87 -26.51
N SER B 240 -4.30 29.24 -26.09
CA SER B 240 -3.19 28.29 -26.13
C SER B 240 -3.45 27.10 -25.21
N GLY B 241 -4.00 27.35 -24.03
CA GLY B 241 -4.33 26.26 -23.13
C GLY B 241 -5.32 25.29 -23.75
N LEU B 242 -6.37 25.83 -24.38
CA LEU B 242 -7.34 24.96 -25.05
C LEU B 242 -6.69 24.14 -26.15
N PHE B 243 -5.85 24.78 -26.97
CA PHE B 243 -5.20 24.07 -28.07
C PHE B 243 -4.32 22.94 -27.57
N LEU B 244 -3.49 23.22 -26.56
CA LEU B 244 -2.61 22.18 -26.01
C LEU B 244 -3.41 21.05 -25.39
N THR B 245 -4.45 21.37 -24.62
CA THR B 245 -5.26 20.33 -24.00
C THR B 245 -5.90 19.45 -25.07
N ARG B 246 -6.38 20.05 -26.16
CA ARG B 246 -6.95 19.24 -27.24
C ARG B 246 -5.90 18.34 -27.86
N LEU B 247 -4.69 18.87 -28.07
CA LEU B 247 -3.64 18.06 -28.70
C LEU B 247 -3.22 16.88 -27.81
N ARG B 248 -3.21 17.08 -26.50
CA ARG B 248 -2.61 16.11 -25.58
C ARG B 248 -3.54 14.94 -25.23
N ARG B 249 -4.56 14.67 -26.04
CA ARG B 249 -5.50 13.59 -25.73
C ARG B 249 -4.85 12.21 -25.71
N PRO B 250 -4.03 11.80 -26.69
CA PRO B 250 -3.59 10.39 -26.74
C PRO B 250 -2.81 9.92 -25.52
N ILE B 251 -2.20 10.82 -24.74
CA ILE B 251 -1.45 10.38 -23.57
C ILE B 251 -2.37 9.66 -22.58
N GLY B 252 -3.65 10.01 -22.55
CA GLY B 252 -4.57 9.37 -21.63
C GLY B 252 -5.00 7.98 -22.02
N LYS B 253 -4.71 7.56 -23.26
CA LYS B 253 -5.10 6.24 -23.76
C LYS B 253 -3.97 5.23 -23.72
N MET B 254 -2.71 5.67 -23.67
CA MET B 254 -1.57 4.77 -23.61
C MET B 254 -1.17 4.42 -22.18
N THR B 255 -1.46 5.30 -21.23
CA THR B 255 -1.12 5.05 -19.84
C THR B 255 -1.99 3.97 -19.20
N ILE B 256 -3.08 3.57 -19.84
CA ILE B 256 -3.86 2.43 -19.38
C ILE B 256 -3.35 1.13 -20.00
N THR B 257 -2.95 1.18 -21.26
CA THR B 257 -2.36 0.01 -21.90
C THR B 257 -1.06 -0.37 -21.21
N GLU B 258 -0.26 0.62 -20.82
CA GLU B 258 0.97 0.33 -20.09
C GLU B 258 0.68 -0.43 -18.80
N GLN B 259 -0.33 0.03 -18.04
CA GLN B 259 -0.68 -0.62 -16.79
C GLN B 259 -1.20 -2.03 -17.03
N LYS B 260 -1.99 -2.23 -18.09
CA LYS B 260 -2.47 -3.56 -18.42
C LYS B 260 -1.31 -4.51 -18.70
N TYR B 261 -0.34 -4.08 -19.50
CA TYR B 261 0.79 -4.94 -19.83
C TYR B 261 1.64 -5.24 -18.60
N GLU B 262 1.86 -4.24 -17.75
CA GLU B 262 2.62 -4.50 -16.52
C GLU B 262 1.90 -5.49 -15.62
N GLY B 263 0.57 -5.37 -15.53
CA GLY B 263 -0.20 -6.33 -14.75
C GLY B 263 -0.07 -7.74 -15.30
N GLU B 264 -0.11 -7.87 -16.63
CA GLU B 264 0.09 -9.19 -17.24
C GLU B 264 1.46 -9.76 -16.89
N TYR B 265 2.50 -8.92 -16.94
CA TYR B 265 3.85 -9.41 -16.64
C TYR B 265 3.94 -9.91 -15.21
N ARG B 266 3.44 -9.12 -14.25
CA ARG B 266 3.49 -9.55 -12.85
C ARG B 266 2.65 -10.80 -12.64
N TYR B 267 1.50 -10.91 -13.31
CA TYR B 267 0.66 -12.09 -13.16
C TYR B 267 1.37 -13.34 -13.66
N VAL B 268 2.06 -13.24 -14.79
CA VAL B 268 2.79 -14.40 -15.30
C VAL B 268 3.87 -14.82 -14.33
N ASN B 269 4.61 -13.85 -13.78
CA ASN B 269 5.65 -14.19 -12.80
C ASN B 269 5.06 -14.88 -11.57
N SER B 270 3.95 -14.35 -11.05
CA SER B 270 3.34 -14.96 -9.86
C SER B 270 2.86 -16.37 -10.16
N ARG B 271 2.26 -16.57 -11.34
CA ARG B 271 1.83 -17.90 -11.74
C ARG B 271 3.02 -18.85 -11.81
N LEU B 272 4.15 -18.39 -12.35
CA LEU B 272 5.35 -19.22 -12.38
C LEU B 272 5.78 -19.61 -10.97
N ILE B 273 5.78 -18.64 -10.05
CA ILE B 273 6.26 -18.93 -8.70
C ILE B 273 5.34 -19.93 -8.00
N THR B 274 4.02 -19.76 -8.13
CA THR B 274 3.11 -20.58 -7.35
C THR B 274 3.19 -22.04 -7.74
N ASN B 275 3.24 -22.32 -9.04
CA ASN B 275 3.20 -23.67 -9.58
C ASN B 275 4.58 -24.20 -9.97
N SER B 276 5.62 -23.78 -9.23
CA SER B 276 6.98 -24.17 -9.56
C SER B 276 7.20 -25.66 -9.41
N GLU B 277 6.67 -26.25 -8.32
CA GLU B 277 6.93 -27.66 -8.05
C GLU B 277 6.35 -28.53 -9.15
N GLU B 278 5.12 -28.24 -9.59
CA GLU B 278 4.47 -29.09 -10.58
C GLU B 278 5.24 -29.08 -11.89
N ILE B 279 5.73 -27.92 -12.30
CA ILE B 279 6.41 -27.82 -13.59
C ILE B 279 7.87 -28.27 -13.48
N ALA B 280 8.42 -28.38 -12.27
CA ALA B 280 9.79 -28.84 -12.12
C ALA B 280 9.95 -30.33 -12.40
N PHE B 281 8.87 -31.09 -12.47
CA PHE B 281 9.00 -32.54 -12.69
C PHE B 281 9.33 -32.87 -14.14
N TYR B 282 8.74 -32.15 -15.10
CA TYR B 282 9.01 -32.37 -16.52
C TYR B 282 9.46 -31.06 -17.18
N ASN B 283 10.75 -30.77 -17.04
CA ASN B 283 11.49 -29.77 -17.83
C ASN B 283 10.66 -28.53 -18.14
N GLY B 284 10.23 -27.86 -17.09
CA GLY B 284 9.49 -26.62 -17.23
C GLY B 284 10.35 -25.39 -17.50
N ASN B 285 11.64 -25.59 -17.76
CA ASN B 285 12.54 -24.45 -17.91
C ASN B 285 12.31 -23.74 -19.24
N LYS B 286 12.17 -24.49 -20.33
CA LYS B 286 12.18 -23.91 -21.66
C LYS B 286 10.95 -23.05 -21.92
N ARG B 287 9.76 -23.65 -21.81
CA ARG B 287 8.51 -22.96 -22.14
C ARG B 287 8.36 -21.65 -21.36
N GLU B 288 8.41 -21.73 -20.02
CA GLU B 288 8.14 -20.54 -19.21
C GLU B 288 9.09 -19.39 -19.57
N LYS B 289 10.33 -19.71 -19.93
CA LYS B 289 11.24 -18.68 -20.41
C LYS B 289 10.67 -18.00 -21.65
N GLN B 290 10.15 -18.78 -22.59
CA GLN B 290 9.56 -18.20 -23.80
C GLN B 290 8.36 -17.33 -23.47
N THR B 291 7.52 -17.76 -22.54
CA THR B 291 6.33 -16.99 -22.20
C THR B 291 6.70 -15.64 -21.58
N VAL B 292 7.59 -15.65 -20.58
CA VAL B 292 8.00 -14.40 -19.97
C VAL B 292 8.70 -13.51 -21.00
N HIS B 293 9.47 -14.11 -21.90
CA HIS B 293 10.14 -13.32 -22.94
C HIS B 293 9.11 -12.65 -23.84
N SER B 294 8.06 -13.36 -24.23
CA SER B 294 7.05 -12.78 -25.11
C SER B 294 6.36 -11.59 -24.44
N VAL B 295 5.96 -11.76 -23.18
CA VAL B 295 5.28 -10.66 -22.49
C VAL B 295 6.21 -9.46 -22.36
N PHE B 296 7.47 -9.70 -21.97
CA PHE B 296 8.41 -8.59 -21.82
C PHE B 296 8.66 -7.91 -23.15
N ARG B 297 8.70 -8.68 -24.24
CA ARG B 297 8.92 -8.09 -25.56
C ARG B 297 7.76 -7.18 -25.95
N LYS B 298 6.52 -7.61 -25.67
CA LYS B 298 5.37 -6.74 -25.94
C LYS B 298 5.48 -5.43 -25.17
N LEU B 299 5.79 -5.52 -23.87
CA LEU B 299 5.88 -4.31 -23.05
C LEU B 299 6.97 -3.37 -23.58
N VAL B 300 8.16 -3.91 -23.84
CA VAL B 300 9.29 -3.08 -24.23
C VAL B 300 9.12 -2.54 -25.64
N GLU B 301 8.28 -3.17 -26.47
CA GLU B 301 7.98 -2.61 -27.78
C GLU B 301 6.92 -1.51 -27.70
N HIS B 302 6.00 -1.58 -26.75
CA HIS B 302 5.06 -0.48 -26.55
C HIS B 302 5.75 0.78 -26.03
N LEU B 303 6.71 0.59 -25.11
CA LEU B 303 7.33 1.74 -24.47
C LEU B 303 8.06 2.65 -25.48
N HIS B 304 8.60 2.09 -26.56
CA HIS B 304 9.30 2.92 -27.54
C HIS B 304 8.36 3.91 -28.20
N ASN B 305 7.20 3.44 -28.64
CA ASN B 305 6.22 4.33 -29.24
C ASN B 305 5.76 5.39 -28.25
N PHE B 306 5.56 4.98 -26.99
CA PHE B 306 5.18 5.97 -25.98
C PHE B 306 6.22 7.07 -25.85
N ILE B 307 7.50 6.69 -25.82
CA ILE B 307 8.58 7.67 -25.65
C ILE B 307 8.64 8.61 -26.85
N LEU B 308 8.52 8.07 -28.06
CA LEU B 308 8.57 8.93 -29.25
C LEU B 308 7.43 9.94 -29.25
N PHE B 309 6.22 9.50 -28.91
CA PHE B 309 5.10 10.44 -28.87
C PHE B 309 5.35 11.53 -27.83
N ARG B 310 5.85 11.15 -26.65
CA ARG B 310 6.15 12.14 -25.63
C ARG B 310 7.16 13.16 -26.14
N PHE B 311 8.17 12.69 -26.88
CA PHE B 311 9.20 13.59 -27.41
C PHE B 311 8.60 14.62 -28.35
N SER B 312 7.79 14.17 -29.31
CA SER B 312 7.21 15.12 -30.27
C SER B 312 6.28 16.11 -29.58
N MET B 313 5.45 15.62 -28.67
CA MET B 313 4.52 16.51 -27.98
C MET B 313 5.26 17.55 -27.16
N GLY B 314 6.32 17.15 -26.47
CA GLY B 314 7.10 18.12 -25.70
C GLY B 314 7.73 19.17 -26.60
N PHE B 315 8.23 18.76 -27.78
CA PHE B 315 8.79 19.73 -28.69
C PHE B 315 7.77 20.77 -29.11
N ILE B 316 6.55 20.35 -29.43
CA ILE B 316 5.52 21.33 -29.80
C ILE B 316 5.18 22.23 -28.61
N ASP B 317 5.04 21.62 -27.44
CA ASP B 317 4.57 22.35 -26.26
C ASP B 317 5.53 23.46 -25.87
N SER B 318 6.85 23.18 -25.91
CA SER B 318 7.82 24.21 -25.54
C SER B 318 7.63 25.47 -26.37
N ILE B 319 7.60 25.32 -27.70
CA ILE B 319 7.46 26.49 -28.58
C ILE B 319 6.15 27.20 -28.29
N ILE B 320 5.05 26.46 -28.20
CA ILE B 320 3.75 27.13 -28.13
C ILE B 320 3.56 27.85 -26.81
N ALA B 321 4.07 27.29 -25.71
CA ALA B 321 3.70 27.75 -24.38
C ALA B 321 4.84 28.34 -23.54
N LYS B 322 6.06 28.43 -24.05
CA LYS B 322 7.15 29.03 -23.29
C LYS B 322 7.88 30.15 -24.02
N TYR B 323 8.10 30.02 -25.32
CA TYR B 323 8.89 30.98 -26.08
C TYR B 323 8.05 31.89 -26.94
N LEU B 324 6.72 31.86 -26.79
CA LEU B 324 5.82 32.80 -27.45
C LEU B 324 5.04 33.67 -26.49
N ALA B 325 4.76 33.17 -25.28
CA ALA B 325 4.20 34.02 -24.24
C ALA B 325 5.13 35.18 -23.94
N THR B 326 6.45 34.94 -23.96
CA THR B 326 7.40 36.01 -23.72
C THR B 326 7.35 37.08 -24.80
N VAL B 327 7.21 36.66 -26.06
CA VAL B 327 7.11 37.60 -27.16
C VAL B 327 5.84 38.44 -27.05
N VAL B 328 4.72 37.79 -26.71
CA VAL B 328 3.48 38.53 -26.53
C VAL B 328 3.64 39.54 -25.39
N GLY B 329 4.31 39.14 -24.31
CA GLY B 329 4.53 40.07 -23.21
C GLY B 329 5.38 41.26 -23.62
N TYR B 330 6.45 41.00 -24.39
CA TYR B 330 7.28 42.10 -24.87
C TYR B 330 6.47 43.09 -25.68
N LEU B 331 5.68 42.59 -26.64
CA LEU B 331 4.90 43.50 -27.48
C LEU B 331 3.92 44.31 -26.65
N VAL B 332 3.18 43.64 -25.76
CA VAL B 332 2.14 44.32 -24.98
C VAL B 332 2.76 45.38 -24.09
N VAL B 333 3.86 45.06 -23.41
CA VAL B 333 4.46 46.04 -22.50
C VAL B 333 5.17 47.15 -23.27
N SER B 334 5.61 46.87 -24.50
CA SER B 334 6.34 47.88 -25.26
C SER B 334 5.45 48.90 -25.94
N ARG B 335 4.18 48.56 -26.18
CA ARG B 335 3.29 49.51 -26.87
C ARG B 335 3.29 50.93 -26.32
N PRO B 336 3.25 51.18 -24.99
CA PRO B 336 3.28 52.57 -24.51
C PRO B 336 4.57 53.32 -24.82
N PHE B 337 5.73 52.66 -24.82
CA PHE B 337 7.00 53.36 -24.94
C PHE B 337 7.26 53.79 -26.38
N LEU B 338 7.11 52.87 -27.32
CA LEU B 338 7.45 53.14 -28.72
C LEU B 338 6.35 53.94 -29.41
N ASP B 339 5.96 55.07 -28.81
CA ASP B 339 4.95 55.96 -29.39
C ASP B 339 5.25 57.34 -28.82
N LEU B 340 5.95 58.16 -29.60
CA LEU B 340 6.44 59.44 -29.09
C LEU B 340 5.30 60.37 -28.70
N SER B 341 4.24 60.41 -29.50
CA SER B 341 3.10 61.29 -29.26
C SER B 341 2.11 60.75 -28.23
N HIS B 342 2.50 59.78 -27.40
CA HIS B 342 1.59 59.19 -26.44
C HIS B 342 1.04 60.27 -25.50
N PRO B 343 -0.24 60.17 -25.07
CA PRO B 343 -0.83 61.30 -24.34
C PRO B 343 -0.23 61.56 -22.98
N ARG B 344 0.97 62.12 -22.97
CA ARG B 344 1.61 62.74 -21.82
C ARG B 344 2.05 61.76 -20.74
N HIS B 345 1.81 60.46 -20.90
CA HIS B 345 2.18 59.52 -19.83
C HIS B 345 3.68 59.54 -19.58
N LEU B 346 4.47 59.54 -20.64
CA LEU B 346 5.94 59.47 -20.54
C LEU B 346 6.57 60.60 -21.35
N LYS B 347 7.01 61.63 -20.64
CA LYS B 347 7.86 62.69 -21.17
C LYS B 347 8.91 63.03 -20.13
N SER B 348 9.51 61.99 -19.54
CA SER B 348 10.37 62.08 -18.37
C SER B 348 11.76 61.53 -18.69
N THR B 349 12.61 61.45 -17.66
CA THR B 349 14.01 61.11 -17.82
C THR B 349 14.20 59.59 -17.84
N HIS B 350 15.46 59.17 -18.05
CA HIS B 350 15.76 57.74 -18.18
C HIS B 350 15.50 56.99 -16.87
N SER B 351 15.87 57.60 -15.74
CA SER B 351 15.69 56.99 -14.43
C SER B 351 14.23 56.89 -14.01
N GLU B 352 13.28 57.32 -14.83
CA GLU B 352 11.87 57.08 -14.64
C GLU B 352 11.29 56.10 -15.64
N LEU B 353 11.76 56.15 -16.89
CA LEU B 353 11.41 55.12 -17.86
C LEU B 353 11.82 53.74 -17.38
N LEU B 354 12.99 53.66 -16.71
CA LEU B 354 13.47 52.36 -16.23
C LEU B 354 12.49 51.73 -15.25
N GLU B 355 12.11 52.47 -14.20
CA GLU B 355 11.15 51.96 -13.23
C GLU B 355 9.81 51.69 -13.88
N ASP B 356 9.33 52.62 -14.70
CA ASP B 356 8.02 52.46 -15.30
C ASP B 356 7.95 51.19 -16.14
N TYR B 357 9.04 50.84 -16.82
CA TYR B 357 9.04 49.60 -17.58
C TYR B 357 9.09 48.39 -16.66
N TYR B 358 9.99 48.39 -15.68
CA TYR B 358 10.23 47.15 -14.97
C TYR B 358 9.11 46.81 -14.00
N GLN B 359 8.42 47.80 -13.44
CA GLN B 359 7.26 47.49 -12.60
C GLN B 359 6.20 46.72 -13.39
N SER B 360 5.85 47.22 -14.59
CA SER B 360 4.86 46.54 -15.42
C SER B 360 5.38 45.18 -15.89
N GLY B 361 6.66 45.10 -16.24
CA GLY B 361 7.21 43.82 -16.65
C GLY B 361 7.12 42.76 -15.57
N ARG B 362 7.37 43.14 -14.32
CA ARG B 362 7.28 42.19 -13.23
C ARG B 362 5.84 41.89 -12.83
N MET B 363 4.91 42.84 -13.02
CA MET B 363 3.52 42.57 -12.70
C MET B 363 2.84 41.66 -13.72
N LEU B 364 3.23 41.73 -14.99
CA LEU B 364 2.61 40.84 -15.98
C LEU B 364 2.90 39.37 -15.67
N LEU B 365 4.13 39.07 -15.26
CA LEU B 365 4.46 37.69 -14.92
C LEU B 365 3.60 37.17 -13.77
N ARG B 366 3.41 37.99 -12.74
CA ARG B 366 2.65 37.56 -11.58
C ARG B 366 1.16 37.50 -11.88
N MET B 367 0.67 38.28 -12.85
CA MET B 367 -0.71 38.10 -13.30
C MET B 367 -0.85 36.82 -14.11
N SER B 368 0.18 36.44 -14.87
CA SER B 368 0.09 35.24 -15.69
C SER B 368 0.18 33.97 -14.85
N GLN B 369 1.05 33.96 -13.84
CA GLN B 369 1.19 32.78 -12.99
C GLN B 369 -0.09 32.51 -12.19
N ALA B 370 -0.84 33.55 -11.88
CA ALA B 370 -2.06 33.38 -11.09
C ALA B 370 -3.09 32.54 -11.85
N LEU B 371 -3.20 32.73 -13.16
CA LEU B 371 -4.10 31.91 -13.95
C LEU B 371 -3.71 30.44 -13.89
N GLY B 372 -2.42 30.15 -14.02
CA GLY B 372 -1.99 28.76 -13.92
C GLY B 372 -2.32 28.17 -12.57
N ARG B 373 -2.08 28.92 -11.50
CA ARG B 373 -2.38 28.40 -10.17
C ARG B 373 -3.87 28.17 -9.96
N ILE B 374 -4.71 29.12 -10.41
CA ILE B 374 -6.14 28.98 -10.17
C ILE B 374 -6.72 27.87 -11.03
N VAL B 375 -6.16 27.63 -12.22
CA VAL B 375 -6.62 26.51 -13.04
C VAL B 375 -6.18 25.19 -12.42
N LEU B 376 -4.93 25.11 -11.94
CA LEU B 376 -4.46 23.88 -11.32
C LEU B 376 -5.19 23.58 -10.01
N ALA B 377 -5.70 24.61 -9.33
CA ALA B 377 -6.43 24.40 -8.10
C ALA B 377 -7.82 23.81 -8.31
N GLY B 378 -8.26 23.67 -9.56
CA GLY B 378 -9.56 23.09 -9.85
C GLY B 378 -9.63 21.58 -9.82
N ARG B 379 -8.51 20.90 -9.56
CA ARG B 379 -8.49 19.44 -9.45
C ARG B 379 -8.69 18.96 -8.01
N GLU B 380 -8.98 19.86 -7.08
CA GLU B 380 -9.26 19.49 -5.70
C GLU B 380 -10.72 19.13 -5.49
N MET B 381 -11.63 19.73 -6.25
CA MET B 381 -13.05 19.46 -6.07
C MET B 381 -13.40 18.03 -6.46
N THR B 382 -12.78 17.53 -7.53
CA THR B 382 -13.04 16.14 -7.95
C THR B 382 -12.63 15.17 -6.85
N ARG B 383 -11.55 15.47 -6.13
CA ARG B 383 -11.15 14.61 -5.02
C ARG B 383 -12.07 14.79 -3.82
N LEU B 384 -12.42 16.05 -3.51
CA LEU B 384 -13.27 16.31 -2.35
C LEU B 384 -14.64 15.68 -2.49
N ALA B 385 -15.10 15.47 -3.73
CA ALA B 385 -16.40 14.86 -3.94
C ALA B 385 -16.46 13.46 -3.35
N GLY B 386 -15.40 12.67 -3.50
CA GLY B 386 -15.39 11.33 -2.94
C GLY B 386 -15.50 11.33 -1.42
N PHE B 387 -14.73 12.19 -0.77
CA PHE B 387 -14.77 12.27 0.69
C PHE B 387 -16.15 12.72 1.17
N THR B 388 -16.73 13.72 0.49
CA THR B 388 -18.06 14.18 0.88
C THR B 388 -19.08 13.04 0.75
N ALA B 389 -19.02 12.29 -0.36
CA ALA B 389 -19.95 11.19 -0.55
C ALA B 389 -19.79 10.14 0.53
N ARG B 390 -18.55 9.76 0.85
CA ARG B 390 -18.33 8.74 1.86
C ARG B 390 -18.84 9.17 3.22
N ILE B 391 -18.56 10.41 3.62
CA ILE B 391 -19.00 10.86 4.94
C ILE B 391 -20.52 10.97 5.00
N THR B 392 -21.16 11.40 3.92
CA THR B 392 -22.62 11.45 3.91
C THR B 392 -23.20 10.05 4.02
N GLU B 393 -22.60 9.08 3.32
CA GLU B 393 -23.06 7.70 3.43
C GLU B 393 -22.95 7.20 4.87
N LEU B 394 -21.82 7.50 5.52
CA LEU B 394 -21.64 7.05 6.91
C LEU B 394 -22.69 7.67 7.82
N MET B 395 -22.93 8.98 7.68
CA MET B 395 -23.91 9.63 8.53
C MET B 395 -25.30 9.04 8.32
N GLN B 396 -25.67 8.78 7.06
CA GLN B 396 -26.98 8.21 6.79
C GLN B 396 -27.10 6.82 7.41
N VAL B 397 -26.05 6.00 7.30
CA VAL B 397 -26.14 4.65 7.86
C VAL B 397 -26.24 4.69 9.38
N LEU B 398 -25.50 5.60 10.03
CA LEU B 398 -25.62 5.74 11.47
C LEU B 398 -27.04 6.14 11.86
N LYS B 399 -27.62 7.10 11.12
CA LYS B 399 -28.98 7.54 11.43
C LYS B 399 -29.99 6.41 11.24
N ASP B 400 -29.79 5.58 10.20
CA ASP B 400 -30.66 4.43 10.01
C ASP B 400 -30.54 3.45 11.17
N LEU B 401 -29.31 3.08 11.53
CA LEU B 401 -29.11 2.07 12.56
C LEU B 401 -29.61 2.53 13.92
N ASN B 402 -29.50 3.83 14.24
CA ASN B 402 -30.05 4.31 15.49
C ASN B 402 -31.56 4.08 15.59
N HIS B 403 -32.25 3.91 14.46
CA HIS B 403 -33.64 3.51 14.43
C HIS B 403 -33.73 2.00 14.16
N GLY B 404 -34.95 1.48 14.15
CA GLY B 404 -35.16 0.07 13.93
C GLY B 404 -35.17 -0.31 12.46
N LYS B 405 -34.10 0.02 11.74
CA LYS B 405 -33.96 -0.31 10.33
C LYS B 405 -32.58 -0.88 10.07
N TYR B 406 -32.50 -1.70 9.02
CA TYR B 406 -31.25 -2.28 8.57
C TYR B 406 -31.48 -2.96 7.23
N GLU B 407 -30.43 -3.00 6.41
CA GLU B 407 -30.50 -3.59 5.08
C GLU B 407 -29.20 -4.34 4.81
N ARG B 408 -29.29 -5.32 3.90
CA ARG B 408 -28.15 -6.14 3.50
C ARG B 408 -27.56 -6.87 4.71
N THR B 409 -28.38 -7.75 5.29
CA THR B 409 -27.97 -8.48 6.48
C THR B 409 -26.79 -9.40 6.19
N MET B 410 -25.80 -9.34 7.07
CA MET B 410 -24.59 -10.19 7.07
C MET B 410 -24.13 -10.72 5.71
N ILE B 424 -43.05 -15.97 4.95
CA ILE B 424 -41.94 -15.50 5.76
C ILE B 424 -42.43 -14.34 6.64
N PRO B 425 -42.16 -14.37 7.95
CA PRO B 425 -42.67 -13.29 8.82
C PRO B 425 -41.93 -11.97 8.60
N LEU B 426 -42.34 -10.93 9.32
CA LEU B 426 -41.72 -9.62 9.19
C LEU B 426 -40.25 -9.70 9.62
N ILE B 427 -39.36 -9.16 8.77
CA ILE B 427 -37.92 -9.29 8.98
C ILE B 427 -37.45 -8.38 10.10
N PRO B 428 -37.60 -7.03 10.02
CA PRO B 428 -36.93 -6.15 10.99
C PRO B 428 -37.27 -6.44 12.44
N GLY B 429 -38.55 -6.39 12.79
CA GLY B 429 -38.97 -6.76 14.14
C GLY B 429 -40.47 -6.88 14.25
N ALA B 430 -40.94 -8.00 14.81
CA ALA B 430 -42.37 -8.17 15.07
C ALA B 430 -42.52 -9.02 16.33
N GLY B 431 -42.72 -8.35 17.46
CA GLY B 431 -42.97 -9.01 18.72
C GLY B 431 -43.20 -8.00 19.82
N GLU B 432 -42.71 -8.30 21.01
CA GLU B 432 -42.68 -7.34 22.12
C GLU B 432 -41.80 -7.90 23.22
N ILE B 433 -41.20 -7.00 23.98
CA ILE B 433 -40.24 -7.33 25.04
C ILE B 433 -40.75 -6.70 26.32
N ILE B 434 -41.04 -7.53 27.31
CA ILE B 434 -41.45 -7.10 28.65
C ILE B 434 -40.31 -7.41 29.60
N ILE B 435 -40.05 -6.49 30.52
CA ILE B 435 -38.91 -6.59 31.42
C ILE B 435 -39.40 -7.06 32.78
N ALA B 436 -38.86 -8.20 33.23
CA ALA B 436 -39.13 -8.74 34.56
C ALA B 436 -37.81 -9.06 35.26
N ASP B 437 -37.88 -9.72 36.42
CA ASP B 437 -36.71 -10.05 37.23
C ASP B 437 -36.69 -11.54 37.51
N ASN B 438 -35.52 -12.16 37.29
CA ASN B 438 -35.28 -13.57 37.60
C ASN B 438 -36.36 -14.47 36.99
N ILE B 439 -36.60 -14.28 35.70
CA ILE B 439 -37.55 -15.14 34.98
C ILE B 439 -37.34 -14.93 33.49
N ILE B 440 -37.46 -16.01 32.73
CA ILE B 440 -37.34 -15.98 31.28
C ILE B 440 -38.44 -16.88 30.71
N LYS B 441 -39.16 -16.39 29.72
CA LYS B 441 -40.34 -17.08 29.18
C LYS B 441 -40.25 -17.14 27.67
N PHE B 442 -40.30 -18.35 27.13
CA PHE B 442 -40.39 -18.62 25.69
C PHE B 442 -41.73 -19.27 25.46
N ASP B 443 -42.72 -18.46 25.04
CA ASP B 443 -44.04 -18.96 24.67
C ASP B 443 -44.33 -18.50 23.25
N HIS B 444 -44.25 -19.43 22.30
CA HIS B 444 -44.47 -19.15 20.88
C HIS B 444 -43.49 -18.09 20.38
N VAL B 445 -42.21 -18.43 20.41
CA VAL B 445 -41.12 -17.53 20.00
C VAL B 445 -40.26 -18.21 18.94
N PRO B 446 -40.64 -18.16 17.66
CA PRO B 446 -39.80 -18.78 16.62
C PRO B 446 -38.61 -17.90 16.27
N LEU B 447 -37.41 -18.40 16.54
CA LEU B 447 -36.17 -17.68 16.27
C LEU B 447 -35.59 -18.13 14.94
N ALA B 448 -35.09 -17.17 14.15
CA ALA B 448 -34.54 -17.47 12.84
C ALA B 448 -33.49 -16.44 12.47
N THR B 449 -32.60 -16.85 11.58
CA THR B 449 -31.59 -15.93 11.05
C THR B 449 -32.25 -14.89 10.15
N PRO B 450 -31.79 -13.59 10.16
CA PRO B 450 -32.38 -12.57 9.29
C PRO B 450 -31.92 -12.65 7.82
N ASN B 451 -32.03 -13.84 7.23
CA ASN B 451 -31.66 -14.04 5.84
C ASN B 451 -32.64 -14.98 5.12
N GLY B 452 -33.85 -15.14 5.64
CA GLY B 452 -34.84 -16.03 5.08
C GLY B 452 -34.80 -17.45 5.64
N ASP B 453 -33.62 -17.92 6.03
CA ASP B 453 -33.51 -19.25 6.61
C ASP B 453 -34.18 -19.28 7.98
N VAL B 454 -34.79 -20.42 8.31
CA VAL B 454 -35.48 -20.63 9.58
C VAL B 454 -34.78 -21.78 10.29
N LEU B 455 -34.41 -21.55 11.55
CA LEU B 455 -33.70 -22.57 12.31
C LEU B 455 -34.65 -23.67 12.78
N ILE B 456 -35.67 -23.28 13.56
CA ILE B 456 -36.65 -24.23 14.11
C ILE B 456 -38.05 -23.63 13.97
N ARG B 457 -39.03 -24.51 14.13
CA ARG B 457 -40.44 -24.12 14.13
C ARG B 457 -40.80 -23.53 15.49
N ASP B 458 -42.10 -23.41 15.78
CA ASP B 458 -42.59 -22.90 17.05
C ASP B 458 -41.88 -23.57 18.23
N LEU B 459 -41.44 -22.75 19.18
CA LEU B 459 -40.73 -23.21 20.37
C LEU B 459 -41.43 -22.70 21.62
N ASN B 460 -41.40 -23.52 22.68
CA ASN B 460 -42.08 -23.20 23.94
C ASN B 460 -41.39 -23.93 25.08
N PHE B 461 -40.84 -23.18 26.03
CA PHE B 461 -40.34 -23.74 27.29
C PHE B 461 -39.99 -22.60 28.24
N GLU B 462 -40.05 -22.89 29.54
CA GLU B 462 -39.86 -21.90 30.59
C GLU B 462 -38.74 -22.34 31.53
N VAL B 463 -37.96 -21.37 32.01
CA VAL B 463 -36.87 -21.61 32.95
C VAL B 463 -37.04 -20.68 34.13
N ARG B 464 -36.98 -21.24 35.35
CA ARG B 464 -37.18 -20.51 36.59
C ARG B 464 -35.83 -20.19 37.23
N SER B 465 -35.88 -19.64 38.44
CA SER B 465 -34.68 -19.33 39.22
C SER B 465 -34.31 -20.52 40.08
N GLY B 466 -33.01 -20.80 40.17
CA GLY B 466 -32.51 -21.97 40.86
C GLY B 466 -32.40 -23.21 40.02
N ALA B 467 -32.63 -23.12 38.72
CA ALA B 467 -32.52 -24.24 37.79
C ALA B 467 -31.39 -23.97 36.81
N ASN B 468 -31.10 -24.98 35.97
CA ASN B 468 -30.05 -24.88 34.97
C ASN B 468 -30.58 -25.34 33.62
N VAL B 469 -29.92 -24.86 32.58
CA VAL B 469 -30.24 -25.20 31.19
C VAL B 469 -28.96 -25.75 30.59
N LEU B 470 -28.78 -27.06 30.67
CA LEU B 470 -27.58 -27.70 30.11
C LEU B 470 -27.79 -27.91 28.62
N ILE B 471 -26.80 -27.51 27.83
CA ILE B 471 -26.84 -27.62 26.38
C ILE B 471 -26.04 -28.84 25.98
N CYS B 472 -26.69 -29.75 25.26
CA CYS B 472 -26.07 -30.96 24.75
C CYS B 472 -26.49 -31.15 23.30
N GLY B 473 -25.56 -31.60 22.46
CA GLY B 473 -25.86 -31.84 21.07
C GLY B 473 -24.65 -31.69 20.17
N PRO B 474 -24.88 -31.49 18.86
CA PRO B 474 -23.76 -31.34 17.92
C PRO B 474 -23.08 -29.98 18.07
N ASN B 475 -22.18 -29.65 17.14
CA ASN B 475 -21.45 -28.40 17.18
C ASN B 475 -22.41 -27.21 17.22
N GLY B 476 -21.83 -26.02 17.46
CA GLY B 476 -22.56 -24.78 17.70
C GLY B 476 -23.82 -24.57 16.89
N CYS B 477 -23.71 -24.77 15.57
CA CYS B 477 -24.82 -24.68 14.62
C CYS B 477 -25.71 -23.47 14.92
N GLY B 478 -27.02 -23.67 15.11
CA GLY B 478 -27.91 -22.58 15.40
C GLY B 478 -27.92 -22.10 16.84
N LYS B 479 -27.14 -22.73 17.72
CA LYS B 479 -27.08 -22.28 19.11
C LYS B 479 -26.53 -20.87 19.21
N SER B 480 -25.59 -20.52 18.33
CA SER B 480 -25.07 -19.17 18.32
C SER B 480 -26.20 -18.17 18.09
N SER B 481 -27.14 -18.49 17.21
CA SER B 481 -28.27 -17.60 16.98
C SER B 481 -29.10 -17.42 18.25
N LEU B 482 -29.30 -18.51 19.00
CA LEU B 482 -30.03 -18.40 20.26
C LEU B 482 -29.29 -17.51 21.24
N PHE B 483 -27.97 -17.65 21.32
CA PHE B 483 -27.19 -16.77 22.19
C PHE B 483 -27.35 -15.30 21.78
N ARG B 484 -27.21 -15.01 20.48
CA ARG B 484 -27.26 -13.61 20.06
C ARG B 484 -28.64 -13.02 20.35
N VAL B 485 -29.71 -13.76 20.05
CA VAL B 485 -31.05 -13.22 20.27
C VAL B 485 -31.34 -13.10 21.76
N LEU B 486 -30.72 -13.93 22.59
CA LEU B 486 -30.98 -13.88 24.03
C LEU B 486 -30.63 -12.50 24.60
N GLY B 487 -29.47 -11.97 24.25
CA GLY B 487 -29.04 -10.68 24.74
C GLY B 487 -29.41 -9.53 23.84
N GLU B 488 -30.66 -9.47 23.40
CA GLU B 488 -31.14 -8.48 22.44
C GLU B 488 -30.32 -8.66 21.15
N LEU B 489 -29.56 -7.67 20.70
CA LEU B 489 -28.71 -7.79 19.52
C LEU B 489 -29.55 -8.14 18.29
N TRP B 490 -29.66 -9.43 17.95
CA TRP B 490 -30.39 -9.84 16.76
C TRP B 490 -31.88 -9.58 16.96
N PRO B 491 -32.66 -9.58 15.88
CA PRO B 491 -34.08 -9.19 15.98
C PRO B 491 -34.92 -10.33 16.55
N LEU B 492 -36.21 -10.05 16.70
CA LEU B 492 -37.19 -11.00 17.20
C LEU B 492 -38.19 -11.28 16.08
N PHE B 493 -38.20 -12.53 15.60
CA PHE B 493 -39.10 -12.94 14.52
C PHE B 493 -40.35 -13.58 15.14
N GLY B 494 -41.32 -12.74 15.48
CA GLY B 494 -42.57 -13.24 16.01
C GLY B 494 -42.46 -13.75 17.43
N GLY B 495 -43.53 -13.65 18.19
CA GLY B 495 -43.57 -14.15 19.56
C GLY B 495 -43.35 -13.06 20.58
N ARG B 496 -43.66 -13.40 21.83
CA ARG B 496 -43.47 -12.52 22.97
C ARG B 496 -42.52 -13.16 23.98
N LEU B 497 -41.77 -12.32 24.68
CA LEU B 497 -40.65 -12.78 25.49
C LEU B 497 -40.44 -11.83 26.65
N THR B 498 -39.85 -12.36 27.73
CA THR B 498 -39.42 -11.59 28.89
C THR B 498 -37.91 -11.66 29.03
N LYS B 499 -37.32 -10.63 29.62
CA LYS B 499 -35.87 -10.52 29.77
C LYS B 499 -35.56 -9.57 30.91
N PRO B 500 -34.34 -9.65 31.49
CA PRO B 500 -33.87 -8.55 32.36
C PRO B 500 -33.39 -7.36 31.54
N GLU B 501 -32.79 -6.35 32.19
CA GLU B 501 -32.41 -5.11 31.51
C GLU B 501 -30.98 -5.23 31.01
N ARG B 502 -30.82 -5.97 29.91
CA ARG B 502 -29.57 -6.00 29.15
C ARG B 502 -28.39 -6.54 29.97
N GLY B 503 -27.92 -5.76 30.94
CA GLY B 503 -26.70 -6.08 31.65
C GLY B 503 -26.84 -7.10 32.78
N LYS B 504 -27.60 -8.17 32.54
CA LYS B 504 -27.66 -9.31 33.46
C LYS B 504 -27.62 -10.61 32.68
N LEU B 505 -26.84 -10.63 31.59
CA LEU B 505 -26.70 -11.80 30.73
C LEU B 505 -25.24 -11.96 30.32
N PHE B 506 -24.33 -11.91 31.31
CA PHE B 506 -22.90 -12.05 31.03
C PHE B 506 -22.66 -13.30 30.20
N TYR B 507 -21.86 -13.17 29.15
CA TYR B 507 -21.52 -14.28 28.27
C TYR B 507 -20.01 -14.33 28.12
N VAL B 508 -19.40 -15.37 28.69
CA VAL B 508 -17.94 -15.52 28.73
C VAL B 508 -17.56 -16.48 27.60
N PRO B 509 -16.81 -16.02 26.57
CA PRO B 509 -16.35 -16.97 25.55
C PRO B 509 -15.23 -17.85 26.06
N GLN B 510 -14.64 -18.64 25.15
CA GLN B 510 -13.51 -19.47 25.53
C GLN B 510 -12.33 -18.62 26.01
N ARG B 511 -12.06 -17.52 25.31
CA ARG B 511 -10.99 -16.59 25.69
C ARG B 511 -11.61 -15.31 26.24
N PRO B 512 -11.57 -15.06 27.56
CA PRO B 512 -12.20 -13.85 28.09
C PRO B 512 -11.58 -12.57 27.54
N TYR B 513 -12.41 -11.54 27.48
CA TYR B 513 -11.98 -10.23 26.98
C TYR B 513 -11.21 -9.48 28.06
N MET B 514 -10.02 -9.00 27.69
CA MET B 514 -9.14 -8.26 28.59
C MET B 514 -8.81 -6.91 27.98
N THR B 515 -8.96 -5.85 28.77
CA THR B 515 -8.73 -4.49 28.30
C THR B 515 -7.32 -4.03 28.69
N LEU B 516 -6.97 -2.82 28.26
CA LEU B 516 -5.66 -2.23 28.55
C LEU B 516 -5.79 -1.39 29.81
N GLY B 517 -5.28 -1.91 30.93
CA GLY B 517 -5.37 -1.20 32.18
C GLY B 517 -4.83 -2.03 33.33
N THR B 518 -5.06 -1.53 34.54
CA THR B 518 -4.59 -2.18 35.75
C THR B 518 -5.52 -3.32 36.15
N LEU B 519 -5.09 -4.06 37.18
CA LEU B 519 -5.87 -5.21 37.64
C LEU B 519 -7.23 -4.78 38.16
N ARG B 520 -7.31 -3.62 38.81
CA ARG B 520 -8.58 -3.14 39.33
C ARG B 520 -9.60 -2.96 38.20
N ASP B 521 -9.17 -2.34 37.10
CA ASP B 521 -10.07 -2.21 35.95
C ASP B 521 -10.41 -3.57 35.36
N GLN B 522 -9.43 -4.49 35.31
CA GLN B 522 -9.68 -5.81 34.75
C GLN B 522 -10.77 -6.55 35.52
N VAL B 523 -10.71 -6.51 36.84
CA VAL B 523 -11.77 -7.16 37.62
C VAL B 523 -13.06 -6.36 37.56
N ILE B 524 -12.98 -5.05 37.35
CA ILE B 524 -14.14 -4.17 37.44
C ILE B 524 -14.38 -3.52 36.09
N TYR B 525 -14.11 -4.24 34.99
CA TYR B 525 -14.16 -3.65 33.65
C TYR B 525 -15.46 -2.94 33.33
N PRO B 526 -16.65 -3.51 33.54
CA PRO B 526 -17.89 -2.79 33.22
C PRO B 526 -18.07 -1.50 33.99
N ASP B 527 -17.38 -1.32 35.12
CA ASP B 527 -17.44 -0.12 35.94
C ASP B 527 -16.06 0.51 36.01
N GLY B 528 -15.94 1.55 36.84
CA GLY B 528 -14.70 2.29 37.01
C GLY B 528 -14.23 2.34 38.44
N ARG B 529 -13.51 3.41 38.79
CA ARG B 529 -12.96 3.55 40.14
C ARG B 529 -13.99 4.12 41.10
N GLU B 530 -14.53 5.29 40.78
CA GLU B 530 -15.55 5.90 41.64
C GLU B 530 -16.77 5.00 41.75
N ASP B 531 -17.09 4.25 40.70
CA ASP B 531 -18.18 3.29 40.77
C ASP B 531 -17.90 2.22 41.81
N GLN B 532 -16.65 1.71 41.85
CA GLN B 532 -16.28 0.77 42.89
C GLN B 532 -16.37 1.40 44.26
N LYS B 533 -15.97 2.66 44.39
CA LYS B 533 -16.08 3.35 45.67
C LYS B 533 -17.52 3.42 46.13
N ARG B 534 -18.45 3.72 45.21
CA ARG B 534 -19.86 3.78 45.58
C ARG B 534 -20.35 2.43 46.10
N LYS B 535 -19.77 1.33 45.62
CA LYS B 535 -20.20 0.00 46.04
C LYS B 535 -19.70 -0.38 47.42
N GLY B 536 -18.80 0.42 48.01
CA GLY B 536 -18.29 0.10 49.33
C GLY B 536 -17.52 -1.20 49.39
N ILE B 537 -16.66 -1.44 48.39
CA ILE B 537 -15.84 -2.66 48.32
C ILE B 537 -14.39 -2.23 48.45
N SER B 538 -13.69 -2.83 49.42
CA SER B 538 -12.30 -2.50 49.69
C SER B 538 -11.37 -3.45 48.95
N ASP B 539 -10.08 -3.13 49.00
CA ASP B 539 -9.09 -3.97 48.33
C ASP B 539 -9.02 -5.36 48.96
N LEU B 540 -9.24 -5.47 50.27
CA LEU B 540 -9.18 -6.78 50.92
C LEU B 540 -10.27 -7.70 50.38
N VAL B 541 -11.46 -7.18 50.14
CA VAL B 541 -12.53 -7.99 49.55
C VAL B 541 -12.11 -8.47 48.17
N LEU B 542 -11.43 -7.61 47.42
CA LEU B 542 -10.94 -8.01 46.10
C LEU B 542 -9.89 -9.12 46.22
N LYS B 543 -9.00 -9.02 47.22
CA LYS B 543 -8.06 -10.11 47.47
C LYS B 543 -8.79 -11.41 47.75
N GLU B 544 -9.83 -11.35 48.59
CA GLU B 544 -10.59 -12.56 48.90
C GLU B 544 -11.23 -13.15 47.65
N TYR B 545 -11.78 -12.29 46.79
CA TYR B 545 -12.36 -12.78 45.54
C TYR B 545 -11.29 -13.44 44.67
N LEU B 546 -10.12 -12.81 44.55
CA LEU B 546 -9.04 -13.41 43.76
C LEU B 546 -8.55 -14.71 44.38
N ASP B 547 -8.43 -14.75 45.71
CA ASP B 547 -7.96 -15.97 46.38
C ASP B 547 -8.92 -17.13 46.17
N ASN B 548 -10.21 -16.84 45.94
CA ASN B 548 -11.17 -17.92 45.76
C ASN B 548 -10.84 -18.76 44.53
N VAL B 549 -10.43 -18.12 43.44
CA VAL B 549 -10.06 -18.83 42.21
C VAL B 549 -8.57 -19.13 42.20
N GLN B 550 -7.89 -18.95 43.34
CA GLN B 550 -6.47 -19.23 43.48
C GLN B 550 -5.63 -18.40 42.51
N LEU B 551 -5.91 -17.10 42.47
CA LEU B 551 -5.13 -16.13 41.71
C LEU B 551 -4.44 -15.13 42.65
N GLY B 552 -4.14 -15.56 43.87
CA GLY B 552 -3.53 -14.68 44.85
C GLY B 552 -2.06 -14.40 44.65
N HIS B 553 -1.41 -15.12 43.73
CA HIS B 553 0.01 -14.92 43.45
C HIS B 553 0.26 -13.91 42.34
N ILE B 554 -0.79 -13.28 41.81
CA ILE B 554 -0.62 -12.29 40.74
C ILE B 554 -0.42 -10.87 41.28
N LEU B 555 -0.84 -10.61 42.53
CA LEU B 555 -0.70 -9.27 43.08
C LEU B 555 0.75 -8.80 43.10
N GLU B 556 1.68 -9.72 43.33
CA GLU B 556 3.11 -9.41 43.29
C GLU B 556 3.73 -9.61 41.91
N ARG B 557 2.95 -10.13 40.94
CA ARG B 557 3.52 -10.43 39.63
C ARG B 557 4.03 -9.16 38.94
N GLU B 558 3.28 -8.06 39.04
CA GLU B 558 3.72 -6.77 38.49
C GLU B 558 3.62 -5.65 39.51
N GLY B 559 3.57 -5.96 40.81
CA GLY B 559 3.62 -4.98 41.86
C GLY B 559 2.29 -4.65 42.51
N GLY B 560 1.18 -4.96 41.85
CA GLY B 560 -0.14 -4.72 42.44
C GLY B 560 -1.16 -4.14 41.50
N TRP B 561 -1.93 -3.16 41.98
CA TRP B 561 -3.08 -2.61 41.27
C TRP B 561 -2.73 -1.39 40.42
N ASP B 562 -1.45 -1.06 40.27
CA ASP B 562 -1.02 0.09 39.49
C ASP B 562 0.00 -0.33 38.44
N SER B 563 -0.25 -1.47 37.79
CA SER B 563 0.62 -2.01 36.76
C SER B 563 -0.13 -2.05 35.44
N VAL B 564 0.49 -1.50 34.40
CA VAL B 564 -0.12 -1.42 33.07
C VAL B 564 0.67 -2.33 32.15
N GLN B 565 0.03 -3.39 31.66
CA GLN B 565 0.65 -4.34 30.75
C GLN B 565 -0.41 -4.91 29.82
N ASP B 566 0.04 -5.43 28.68
CA ASP B 566 -0.83 -6.07 27.71
C ASP B 566 -1.13 -7.48 28.24
N TRP B 567 -2.32 -7.67 28.79
CA TRP B 567 -2.67 -8.92 29.45
C TRP B 567 -2.82 -10.09 28.48
N MET B 568 -2.84 -9.83 27.16
CA MET B 568 -3.04 -10.92 26.20
C MET B 568 -1.88 -11.92 26.25
N ASP B 569 -0.65 -11.43 26.41
CA ASP B 569 0.54 -12.28 26.42
C ASP B 569 1.26 -12.22 27.77
N VAL B 570 0.52 -11.99 28.85
CA VAL B 570 1.09 -11.96 30.20
C VAL B 570 0.40 -13.01 31.06
N LEU B 571 -0.85 -13.35 30.74
CA LEU B 571 -1.62 -14.35 31.45
C LEU B 571 -1.91 -15.54 30.53
N SER B 572 -1.89 -16.73 31.10
CA SER B 572 -2.19 -17.94 30.37
C SER B 572 -3.71 -18.11 30.22
N GLY B 573 -4.10 -19.07 29.37
CA GLY B 573 -5.52 -19.30 29.14
C GLY B 573 -6.28 -19.62 30.40
N GLY B 574 -5.74 -20.53 31.21
CA GLY B 574 -6.40 -20.88 32.46
C GLY B 574 -6.49 -19.69 33.41
N GLU B 575 -5.43 -18.89 33.48
CA GLU B 575 -5.45 -17.70 34.33
C GLU B 575 -6.53 -16.73 33.85
N LYS B 576 -6.64 -16.52 32.54
CA LYS B 576 -7.67 -15.62 32.02
C LYS B 576 -9.07 -16.15 32.32
N GLN B 577 -9.27 -17.47 32.17
CA GLN B 577 -10.57 -18.05 32.46
C GLN B 577 -10.93 -17.88 33.93
N ARG B 578 -9.97 -18.13 34.83
CA ARG B 578 -10.21 -17.94 36.25
C ARG B 578 -10.48 -16.48 36.58
N MET B 579 -9.80 -15.56 35.88
CA MET B 579 -10.07 -14.14 36.04
C MET B 579 -11.50 -13.82 35.64
N ALA B 580 -11.98 -14.43 34.55
CA ALA B 580 -13.37 -14.22 34.14
C ALA B 580 -14.33 -14.76 35.19
N MET B 581 -14.02 -15.91 35.77
CA MET B 581 -14.86 -16.43 36.85
C MET B 581 -14.91 -15.45 38.02
N ALA B 582 -13.76 -14.89 38.40
CA ALA B 582 -13.73 -13.93 39.49
C ALA B 582 -14.55 -12.69 39.16
N ARG B 583 -14.45 -12.21 37.92
CA ARG B 583 -15.26 -11.07 37.49
C ARG B 583 -16.75 -11.38 37.61
N LEU B 584 -17.15 -12.57 37.15
CA LEU B 584 -18.55 -12.97 37.26
C LEU B 584 -18.99 -13.03 38.71
N PHE B 585 -18.15 -13.59 39.59
CA PHE B 585 -18.50 -13.65 41.00
C PHE B 585 -18.69 -12.25 41.58
N TYR B 586 -17.79 -11.33 41.24
CA TYR B 586 -17.92 -9.97 41.78
C TYR B 586 -19.20 -9.31 41.30
N HIS B 587 -19.49 -9.43 39.99
CA HIS B 587 -20.66 -8.71 39.46
C HIS B 587 -21.96 -9.31 39.95
N LYS B 588 -22.00 -10.62 40.17
CA LYS B 588 -23.18 -11.30 40.71
C LYS B 588 -24.39 -11.08 39.81
N PRO B 589 -24.35 -11.52 38.56
CA PRO B 589 -25.50 -11.34 37.67
C PRO B 589 -26.58 -12.39 37.92
N GLN B 590 -27.77 -12.11 37.36
CA GLN B 590 -28.88 -13.04 37.51
C GLN B 590 -28.73 -14.25 36.59
N PHE B 591 -28.22 -14.04 35.38
CA PHE B 591 -28.04 -15.12 34.41
C PHE B 591 -26.67 -14.98 33.76
N ALA B 592 -26.08 -16.12 33.42
CA ALA B 592 -24.79 -16.15 32.75
C ALA B 592 -24.74 -17.33 31.80
N ILE B 593 -23.84 -17.25 30.83
CA ILE B 593 -23.70 -18.26 29.79
C ILE B 593 -22.24 -18.69 29.74
N LEU B 594 -22.01 -20.00 29.80
CA LEU B 594 -20.68 -20.60 29.72
C LEU B 594 -20.57 -21.33 28.40
N ASP B 595 -19.61 -20.92 27.56
CA ASP B 595 -19.41 -21.52 26.24
C ASP B 595 -17.98 -22.09 26.18
N GLU B 596 -17.85 -23.33 26.67
CA GLU B 596 -16.61 -24.11 26.54
C GLU B 596 -15.39 -23.32 27.02
N CYS B 597 -15.57 -22.54 28.09
CA CYS B 597 -14.48 -21.77 28.67
C CYS B 597 -13.76 -22.50 29.78
N THR B 598 -14.15 -23.74 30.07
CA THR B 598 -13.53 -24.55 31.12
C THR B 598 -12.60 -25.61 30.53
N SER B 599 -11.93 -25.29 29.42
CA SER B 599 -11.06 -26.27 28.77
C SER B 599 -9.90 -26.67 29.67
N ALA B 600 -9.30 -25.70 30.36
CA ALA B 600 -8.14 -25.92 31.22
C ALA B 600 -8.47 -25.45 32.63
N VAL B 601 -9.09 -26.33 33.41
CA VAL B 601 -9.42 -26.07 34.81
C VAL B 601 -9.49 -27.41 35.53
N SER B 602 -9.10 -27.40 36.80
CA SER B 602 -9.14 -28.61 37.61
C SER B 602 -10.57 -28.92 38.04
N VAL B 603 -10.77 -30.13 38.55
CA VAL B 603 -12.09 -30.52 39.04
C VAL B 603 -12.45 -29.74 40.31
N ASP B 604 -11.47 -29.53 41.18
CA ASP B 604 -11.74 -28.87 42.45
C ASP B 604 -12.23 -27.44 42.25
N VAL B 605 -11.57 -26.69 41.37
CA VAL B 605 -11.97 -25.30 41.15
C VAL B 605 -13.37 -25.26 40.53
N GLU B 606 -13.65 -26.15 39.59
CA GLU B 606 -14.97 -26.20 38.97
C GLU B 606 -16.04 -26.47 40.03
N GLY B 607 -15.81 -27.48 40.87
CA GLY B 607 -16.78 -27.77 41.92
C GLY B 607 -16.97 -26.61 42.86
N TYR B 608 -15.88 -25.95 43.25
CA TYR B 608 -15.98 -24.84 44.18
C TYR B 608 -16.77 -23.68 43.57
N ILE B 609 -16.49 -23.33 42.31
CA ILE B 609 -17.20 -22.20 41.71
C ILE B 609 -18.67 -22.55 41.54
N TYR B 610 -18.99 -23.78 41.15
CA TYR B 610 -20.39 -24.16 41.00
C TYR B 610 -21.11 -24.12 42.36
N SER B 611 -20.47 -24.62 43.41
CA SER B 611 -21.10 -24.59 44.73
C SER B 611 -21.31 -23.16 45.20
N HIS B 612 -20.31 -22.30 45.03
CA HIS B 612 -20.46 -20.91 45.46
C HIS B 612 -21.54 -20.20 44.66
N CYS B 613 -21.61 -20.46 43.35
CA CYS B 613 -22.66 -19.87 42.53
C CYS B 613 -24.04 -20.32 42.99
N ARG B 614 -24.17 -21.61 43.33
CA ARG B 614 -25.45 -22.10 43.83
C ARG B 614 -25.81 -21.44 45.15
N LYS B 615 -24.83 -21.28 46.03
CA LYS B 615 -25.07 -20.63 47.31
C LYS B 615 -25.53 -19.18 47.12
N VAL B 616 -24.89 -18.46 46.20
CA VAL B 616 -25.29 -17.07 45.96
C VAL B 616 -26.69 -17.02 45.37
N GLY B 617 -26.99 -17.90 44.42
CA GLY B 617 -28.31 -17.96 43.80
C GLY B 617 -28.36 -17.38 42.41
N ILE B 618 -27.38 -17.73 41.57
CA ILE B 618 -27.27 -17.24 40.21
C ILE B 618 -27.58 -18.38 39.25
N THR B 619 -28.55 -18.15 38.36
CA THR B 619 -28.89 -19.14 37.35
C THR B 619 -27.78 -19.22 36.29
N LEU B 620 -27.44 -20.44 35.88
CA LEU B 620 -26.31 -20.69 35.01
C LEU B 620 -26.72 -21.52 33.80
N PHE B 621 -26.07 -21.25 32.68
CA PHE B 621 -26.20 -22.02 31.44
C PHE B 621 -24.86 -22.69 31.14
N THR B 622 -24.90 -23.98 30.80
CA THR B 622 -23.70 -24.78 30.60
C THR B 622 -23.71 -25.42 29.22
N VAL B 623 -22.69 -25.10 28.42
CA VAL B 623 -22.47 -25.72 27.11
C VAL B 623 -21.39 -26.81 27.17
N SER B 624 -20.96 -27.20 28.38
CA SER B 624 -19.79 -28.04 28.55
C SER B 624 -19.96 -29.40 27.87
N HIS B 625 -21.05 -30.11 28.18
CA HIS B 625 -21.37 -31.47 27.70
C HIS B 625 -20.61 -32.54 28.46
N ARG B 626 -19.94 -32.21 29.56
CA ARG B 626 -19.15 -33.18 30.30
C ARG B 626 -20.01 -33.92 31.34
N LYS B 627 -19.56 -35.12 31.70
CA LYS B 627 -20.35 -36.02 32.54
C LYS B 627 -20.59 -35.42 33.92
N SER B 628 -19.57 -34.84 34.54
CA SER B 628 -19.78 -34.19 35.84
C SER B 628 -20.78 -33.05 35.71
N LEU B 629 -20.69 -32.29 34.62
CA LEU B 629 -21.65 -31.24 34.38
C LEU B 629 -23.02 -31.81 34.02
N TRP B 630 -23.07 -32.97 33.36
CA TRP B 630 -24.34 -33.68 33.22
C TRP B 630 -24.97 -33.94 34.59
N LYS B 631 -24.15 -34.36 35.56
CA LYS B 631 -24.68 -34.59 36.90
C LYS B 631 -25.17 -33.29 37.54
N HIS B 632 -24.38 -32.22 37.44
CA HIS B 632 -24.64 -31.01 38.24
C HIS B 632 -25.48 -29.99 37.48
N HIS B 633 -26.62 -30.41 36.93
CA HIS B 633 -27.59 -29.50 36.32
C HIS B 633 -28.96 -30.14 36.39
N GLU B 634 -30.00 -29.30 36.37
CA GLU B 634 -31.36 -29.83 36.38
C GLU B 634 -31.81 -30.23 34.98
N TYR B 635 -32.04 -29.24 34.11
CA TYR B 635 -32.68 -29.53 32.83
C TYR B 635 -31.61 -29.73 31.74
N TYR B 636 -32.07 -30.15 30.56
CA TYR B 636 -31.19 -30.31 29.42
C TYR B 636 -31.92 -30.03 28.12
N LEU B 637 -31.25 -29.36 27.19
CA LEU B 637 -31.78 -29.07 25.86
C LEU B 637 -30.96 -29.83 24.84
N HIS B 638 -31.58 -30.81 24.18
CA HIS B 638 -30.94 -31.66 23.20
C HIS B 638 -31.57 -31.41 21.84
N MET B 639 -30.73 -31.09 20.85
CA MET B 639 -31.16 -30.87 19.49
C MET B 639 -30.23 -31.63 18.54
N ASP B 640 -30.81 -32.12 17.44
CA ASP B 640 -30.10 -32.94 16.47
C ASP B 640 -29.57 -32.13 15.30
N GLY B 641 -29.72 -30.81 15.31
CA GLY B 641 -29.31 -29.95 14.20
C GLY B 641 -30.41 -29.72 13.19
N ARG B 642 -31.18 -30.76 12.87
CA ARG B 642 -32.31 -30.61 11.97
C ARG B 642 -33.40 -29.73 12.56
N GLY B 643 -33.40 -29.51 13.86
CA GLY B 643 -34.34 -28.64 14.52
C GLY B 643 -35.32 -29.37 15.42
N ASN B 644 -35.04 -29.38 16.72
CA ASN B 644 -35.91 -29.96 17.72
C ASN B 644 -35.33 -29.65 19.09
N TYR B 645 -36.21 -29.43 20.07
CA TYR B 645 -35.81 -29.11 21.42
C TYR B 645 -36.56 -30.01 22.40
N GLU B 646 -35.83 -30.53 23.39
CA GLU B 646 -36.37 -31.40 24.41
C GLU B 646 -36.12 -30.76 25.77
N PHE B 647 -37.16 -30.70 26.60
CA PHE B 647 -37.10 -29.98 27.87
C PHE B 647 -37.84 -30.80 28.92
N LYS B 648 -37.09 -31.36 29.87
CA LYS B 648 -37.67 -32.14 30.95
C LYS B 648 -36.68 -32.21 32.10
N GLN B 649 -37.14 -32.72 33.24
CA GLN B 649 -36.40 -32.60 34.48
C GLN B 649 -35.04 -33.32 34.42
N ILE B 650 -35.03 -34.64 34.53
CA ILE B 650 -33.81 -35.45 34.51
C ILE B 650 -34.20 -36.87 34.14
N THR B 651 -33.41 -37.47 33.24
CA THR B 651 -33.54 -38.89 32.95
C THR B 651 -32.59 -39.68 33.85
N GLU B 652 -33.03 -40.87 34.24
CA GLU B 652 -32.25 -41.67 35.17
C GLU B 652 -30.88 -42.04 34.59
N ASP B 653 -30.85 -42.55 33.36
CA ASP B 653 -29.60 -42.97 32.73
C ASP B 653 -29.00 -41.86 31.87
N THR B 654 -29.74 -41.39 30.86
CA THR B 654 -29.28 -40.36 29.96
C THR B 654 -30.47 -39.98 29.07
N VAL B 655 -30.23 -39.07 28.13
CA VAL B 655 -31.29 -38.69 27.18
C VAL B 655 -31.73 -39.93 26.43
N GLU B 656 -33.05 -40.13 26.34
CA GLU B 656 -33.61 -41.34 25.75
C GLU B 656 -33.67 -41.24 24.22
N PHE B 657 -32.54 -40.88 23.61
CA PHE B 657 -32.43 -40.87 22.15
C PHE B 657 -31.07 -41.34 21.66
N GLY B 658 -30.20 -41.85 22.54
CA GLY B 658 -28.87 -42.30 22.17
C GLY B 658 -27.80 -41.62 22.98
N SER B 659 -26.88 -40.93 22.30
CA SER B 659 -25.80 -40.22 22.97
C SER B 659 -26.34 -39.09 23.84
#